data_1QKS
#
_entry.id   1QKS
#
_cell.length_a   106.400
_cell.length_b   60.600
_cell.length_c   100.200
_cell.angle_alpha   90.00
_cell.angle_beta   112.30
_cell.angle_gamma   90.00
#
_symmetry.space_group_name_H-M   'P 1 21 1'
#
loop_
_entity.id
_entity.type
_entity.pdbx_description
1 polymer 'CYTOCHROME CD1 NITRITE REDUCTASE'
2 non-polymer 'HEME C'
3 non-polymer 'HEME D'
4 non-polymer GLYCEROL
5 non-polymer 'SULFATE ION'
6 water water
#
_entity_poly.entity_id   1
_entity_poly.type   'polypeptide(L)'
_entity_poly.pdbx_seq_one_letter_code
;QEQVAPPKDPAAALEDHKTRTDNRYEPSLDNLAQQDVAAPGAPEGVTALSDAQYNEANKIYFERCAGCHGVLRKGATGKA
LTPDLTRDLGFDYLQSFITYASPAGMPNWGTSGELSAEQVDLMANYLLLDPAAPPEFGMKEMRESWKVHVAPEDRPTQQM
NDWDLENLFSVTLRDAGQIALIDGSTYEIKTVLDTGYAVHISRLSASGRYLFVIGRDGKVNMIDLWMKEPTTVAEIKIGS
EARSIETSKMEGWEDKYAIAGAYWPPQYVIMDGETLEPKKIQSTRGMTYDEQEYHPEPRVAAILASHYRPEFIVNVKETG
KILLVDYTDLNNLKTTEISAERFLHDGGLDGSHRYFITAANARNKLVVIDTKEGKLVAIEDTGGQTPHPGRGANFVHPTF
GPVWATSHMGDDSVALIGTDPEGHPDNAWKILDSFPALGGGSLFIKTHPNSQYLYVDATLNPEAEISGSVAVFDIKAMTG
DGSDPEFKTLPIAEWAGITEGQPRVVQGEFNKDGTEVWFSVWNGKDQESALVVVDDKTLELKHVIKDERLVTPTGKFNVY
NTMTDTY
;
_entity_poly.pdbx_strand_id   A,B
#
loop_
_chem_comp.id
_chem_comp.type
_chem_comp.name
_chem_comp.formula
DHE non-polymer 'HEME D' 'C34 H32 Fe N4 O10'
GOL non-polymer GLYCEROL 'C3 H8 O3'
HEC non-polymer 'HEME C' 'C34 H34 Fe N4 O4'
SO4 non-polymer 'SULFATE ION' 'O4 S -2'
#
# COMPACT_ATOMS: atom_id res chain seq x y z
N ASP A 9 -8.48 5.03 -35.93
CA ASP A 9 -9.63 5.93 -36.21
C ASP A 9 -10.78 5.60 -35.26
N PRO A 10 -11.73 6.54 -35.08
CA PRO A 10 -12.89 6.35 -34.19
C PRO A 10 -13.71 5.09 -34.45
N ALA A 11 -13.73 4.62 -35.70
CA ALA A 11 -14.49 3.42 -36.04
C ALA A 11 -13.98 2.16 -35.34
N ALA A 12 -12.82 2.26 -34.68
CA ALA A 12 -12.26 1.14 -33.95
C ALA A 12 -13.19 0.76 -32.80
N ALA A 13 -14.03 1.72 -32.40
CA ALA A 13 -14.99 1.52 -31.32
C ALA A 13 -15.92 0.35 -31.61
N LEU A 14 -16.08 0.01 -32.89
CA LEU A 14 -16.95 -1.10 -33.27
C LEU A 14 -16.46 -2.45 -32.74
N GLU A 15 -15.18 -2.54 -32.42
CA GLU A 15 -14.58 -3.78 -31.93
C GLU A 15 -14.28 -3.71 -30.43
N ASP A 16 -14.09 -2.49 -29.92
CA ASP A 16 -13.77 -2.30 -28.50
C ASP A 16 -14.92 -1.83 -27.61
N HIS A 17 -15.85 -1.07 -28.19
CA HIS A 17 -16.95 -0.52 -27.43
C HIS A 17 -18.33 -1.13 -27.62
N LYS A 18 -18.40 -2.24 -28.31
CA LYS A 18 -19.66 -2.93 -28.51
C LYS A 18 -19.79 -4.03 -27.43
N THR A 19 -21.00 -4.49 -27.21
CA THR A 19 -21.26 -5.50 -26.19
C THR A 19 -20.86 -6.93 -26.57
N ARG A 20 -20.06 -7.55 -25.72
CA ARG A 20 -19.63 -8.92 -25.89
C ARG A 20 -20.28 -9.70 -24.75
N THR A 21 -20.25 -11.02 -24.83
CA THR A 21 -20.82 -11.83 -23.76
C THR A 21 -19.89 -11.76 -22.53
N ASP A 22 -18.65 -11.33 -22.74
CA ASP A 22 -17.68 -11.28 -21.65
C ASP A 22 -17.18 -9.90 -21.21
N ASN A 23 -17.81 -8.82 -21.67
CA ASN A 23 -17.39 -7.50 -21.21
C ASN A 23 -18.54 -6.76 -20.51
N ARG A 24 -19.52 -7.53 -20.02
CA ARG A 24 -20.68 -6.96 -19.33
C ARG A 24 -20.53 -7.07 -17.82
N TYR A 25 -19.51 -7.79 -17.38
CA TYR A 25 -19.30 -8.01 -15.94
C TYR A 25 -18.20 -7.13 -15.34
N GLU A 26 -18.13 -5.88 -15.75
CA GLU A 26 -17.15 -4.95 -15.17
C GLU A 26 -17.93 -4.06 -14.20
N PRO A 27 -17.28 -3.51 -13.18
CA PRO A 27 -17.97 -2.66 -12.21
C PRO A 27 -18.80 -1.48 -12.72
N SER A 28 -19.98 -1.31 -12.12
CA SER A 28 -20.83 -0.16 -12.40
C SER A 28 -20.83 0.53 -11.04
N LEU A 29 -20.15 1.66 -10.94
CA LEU A 29 -20.06 2.37 -9.67
C LEU A 29 -21.22 3.32 -9.51
N ASP A 30 -22.44 2.75 -9.50
CA ASP A 30 -23.64 3.54 -9.38
C ASP A 30 -23.95 4.14 -8.02
N ASN A 31 -23.32 3.65 -6.97
CA ASN A 31 -23.56 4.25 -5.66
C ASN A 31 -22.65 5.47 -5.58
N LEU A 32 -21.39 5.28 -5.95
CA LEU A 32 -20.41 6.37 -5.93
C LEU A 32 -20.87 7.48 -6.89
N ALA A 33 -21.53 7.09 -7.98
CA ALA A 33 -22.03 8.03 -8.98
C ALA A 33 -23.06 9.00 -8.41
N GLN A 34 -23.66 8.64 -7.28
CA GLN A 34 -24.66 9.48 -6.63
C GLN A 34 -24.07 10.70 -5.91
N GLN A 35 -22.76 10.66 -5.67
CA GLN A 35 -22.10 11.78 -5.01
C GLN A 35 -21.97 12.97 -5.98
N ASP A 36 -22.30 14.17 -5.52
CA ASP A 36 -22.11 15.28 -6.41
C ASP A 36 -20.64 15.67 -6.34
N VAL A 37 -20.13 16.20 -7.45
CA VAL A 37 -18.73 16.60 -7.54
C VAL A 37 -18.63 18.05 -7.97
N ALA A 38 -17.51 18.68 -7.68
CA ALA A 38 -17.29 20.06 -8.09
C ALA A 38 -16.71 20.06 -9.50
N ALA A 39 -17.16 20.97 -10.34
CA ALA A 39 -16.66 21.07 -11.70
C ALA A 39 -15.28 21.70 -11.65
N PRO A 40 -14.28 21.08 -12.31
CA PRO A 40 -12.93 21.63 -12.31
C PRO A 40 -12.78 22.78 -13.31
N GLY A 41 -11.72 23.56 -13.14
CA GLY A 41 -11.43 24.62 -14.07
C GLY A 41 -10.79 23.91 -15.25
N ALA A 42 -10.65 24.61 -16.38
CA ALA A 42 -10.05 24.03 -17.57
C ALA A 42 -8.83 24.85 -17.98
N PRO A 43 -7.70 24.17 -18.25
CA PRO A 43 -6.50 24.89 -18.67
C PRO A 43 -6.65 25.39 -20.11
N GLU A 44 -5.69 26.18 -20.58
CA GLU A 44 -5.71 26.71 -21.94
C GLU A 44 -5.91 25.61 -22.97
N GLY A 45 -6.77 25.86 -23.94
CA GLY A 45 -7.02 24.89 -24.98
C GLY A 45 -8.11 23.89 -24.65
N VAL A 46 -8.65 23.97 -23.42
CA VAL A 46 -9.70 23.06 -22.96
C VAL A 46 -10.87 23.91 -22.48
N THR A 47 -12.09 23.43 -22.75
CA THR A 47 -13.30 24.14 -22.34
C THR A 47 -13.91 23.53 -21.09
N ALA A 48 -14.29 24.37 -20.14
CA ALA A 48 -14.89 23.91 -18.90
C ALA A 48 -16.36 23.52 -19.08
N LEU A 49 -16.81 22.58 -18.28
CA LEU A 49 -18.19 22.15 -18.29
C LEU A 49 -18.81 22.80 -17.07
N SER A 50 -20.09 23.14 -17.16
CA SER A 50 -20.74 23.75 -16.01
C SER A 50 -20.87 22.69 -14.92
N ASP A 51 -21.30 23.13 -13.74
CA ASP A 51 -21.50 22.25 -12.61
C ASP A 51 -22.47 21.12 -12.99
N ALA A 52 -23.59 21.48 -13.62
CA ALA A 52 -24.57 20.48 -14.03
C ALA A 52 -24.03 19.55 -15.09
N GLN A 53 -23.39 20.10 -16.11
CA GLN A 53 -22.81 19.31 -17.19
C GLN A 53 -21.76 18.34 -16.64
N TYR A 54 -20.89 18.84 -15.78
CA TYR A 54 -19.83 18.01 -15.24
C TYR A 54 -20.41 16.88 -14.39
N ASN A 55 -21.41 17.19 -13.57
CA ASN A 55 -22.02 16.17 -12.72
C ASN A 55 -22.76 15.14 -13.55
N GLU A 56 -23.41 15.61 -14.62
CA GLU A 56 -24.14 14.72 -15.52
C GLU A 56 -23.16 13.74 -16.16
N ALA A 57 -22.05 14.27 -16.65
CA ALA A 57 -21.01 13.44 -17.27
C ALA A 57 -20.36 12.50 -16.26
N ASN A 58 -20.13 13.01 -15.04
CA ASN A 58 -19.51 12.20 -13.99
C ASN A 58 -20.36 11.00 -13.62
N LYS A 59 -21.68 11.21 -13.57
CA LYS A 59 -22.61 10.14 -13.24
C LYS A 59 -22.54 9.05 -14.31
N ILE A 60 -22.57 9.46 -15.57
CA ILE A 60 -22.48 8.51 -16.68
C ILE A 60 -21.13 7.80 -16.59
N TYR A 61 -20.08 8.57 -16.36
CA TYR A 61 -18.75 7.98 -16.28
C TYR A 61 -18.64 6.91 -15.20
N PHE A 62 -19.09 7.23 -13.99
CA PHE A 62 -19.01 6.28 -12.90
C PHE A 62 -19.90 5.05 -13.10
N GLU A 63 -21.09 5.26 -13.65
CA GLU A 63 -22.00 4.14 -13.87
C GLU A 63 -21.63 3.24 -15.05
N ARG A 64 -21.11 3.85 -16.11
CA ARG A 64 -20.82 3.12 -17.33
C ARG A 64 -19.40 2.93 -17.79
N CYS A 65 -18.50 3.83 -17.41
CA CYS A 65 -17.14 3.79 -17.92
C CYS A 65 -16.02 3.46 -16.96
N ALA A 66 -16.20 3.86 -15.70
CA ALA A 66 -15.20 3.67 -14.67
C ALA A 66 -14.83 2.22 -14.40
N GLY A 67 -15.76 1.31 -14.63
CA GLY A 67 -15.47 -0.10 -14.42
C GLY A 67 -14.28 -0.51 -15.27
N CYS A 68 -14.28 -0.10 -16.53
CA CYS A 68 -13.18 -0.45 -17.42
C CYS A 68 -12.01 0.49 -17.46
N HIS A 69 -12.27 1.77 -17.22
CA HIS A 69 -11.21 2.77 -17.29
C HIS A 69 -10.74 3.38 -15.97
N GLY A 70 -11.49 3.15 -14.89
CA GLY A 70 -11.15 3.68 -13.58
C GLY A 70 -11.73 5.05 -13.29
N VAL A 71 -12.14 5.33 -12.05
CA VAL A 71 -12.68 6.66 -11.73
C VAL A 71 -11.58 7.69 -11.88
N LEU A 72 -10.34 7.26 -11.67
CA LEU A 72 -9.19 8.14 -11.79
C LEU A 72 -8.66 8.12 -13.23
N ARG A 73 -9.28 7.28 -14.06
CA ARG A 73 -8.96 7.15 -15.49
C ARG A 73 -7.55 6.63 -15.81
N LYS A 74 -6.97 5.88 -14.88
CA LYS A 74 -5.64 5.33 -15.09
C LYS A 74 -5.69 3.97 -15.77
N GLY A 75 -6.90 3.51 -16.08
CA GLY A 75 -7.07 2.24 -16.77
C GLY A 75 -7.28 0.99 -15.94
N ALA A 76 -8.07 0.07 -16.48
CA ALA A 76 -8.34 -1.21 -15.85
C ALA A 76 -8.30 -2.18 -17.04
N THR A 77 -9.43 -2.77 -17.41
CA THR A 77 -9.43 -3.66 -18.57
C THR A 77 -9.33 -2.77 -19.82
N GLY A 78 -9.77 -1.53 -19.70
CA GLY A 78 -9.69 -0.56 -20.78
C GLY A 78 -8.53 0.36 -20.46
N LYS A 79 -7.95 0.99 -21.49
CA LYS A 79 -6.79 1.86 -21.31
C LYS A 79 -7.01 3.14 -20.52
N ALA A 80 -5.92 3.77 -20.13
CA ALA A 80 -5.99 5.02 -19.39
C ALA A 80 -6.61 6.10 -20.28
N LEU A 81 -7.35 6.99 -19.63
CA LEU A 81 -8.02 8.10 -20.31
C LEU A 81 -7.70 9.40 -19.58
N THR A 82 -6.48 9.52 -19.09
CA THR A 82 -6.06 10.73 -18.38
C THR A 82 -5.99 11.89 -19.38
N PRO A 83 -6.19 13.14 -18.90
CA PRO A 83 -6.16 14.34 -19.74
C PRO A 83 -4.97 14.47 -20.69
N ASP A 84 -3.78 14.10 -20.25
CA ASP A 84 -2.63 14.20 -21.13
C ASP A 84 -2.86 13.38 -22.41
N LEU A 85 -3.39 12.18 -22.24
CA LEU A 85 -3.67 11.30 -23.37
C LEU A 85 -4.86 11.76 -24.21
N THR A 86 -5.96 12.09 -23.54
CA THR A 86 -7.17 12.53 -24.24
C THR A 86 -7.01 13.84 -25.00
N ARG A 87 -6.25 14.78 -24.42
CA ARG A 87 -6.03 16.07 -25.06
C ARG A 87 -5.23 15.88 -26.35
N ASP A 88 -4.35 14.89 -26.36
CA ASP A 88 -3.58 14.59 -27.55
C ASP A 88 -4.49 14.01 -28.62
N LEU A 89 -5.45 13.19 -28.19
CA LEU A 89 -6.40 12.58 -29.12
C LEU A 89 -7.29 13.66 -29.70
N GLY A 90 -7.71 14.60 -28.86
CA GLY A 90 -8.54 15.70 -29.31
C GLY A 90 -10.04 15.43 -29.21
N PHE A 91 -10.80 16.50 -29.04
CA PHE A 91 -12.25 16.44 -28.93
C PHE A 91 -12.91 15.72 -30.10
N ASP A 92 -12.53 16.06 -31.33
CA ASP A 92 -13.13 15.43 -32.51
C ASP A 92 -13.04 13.91 -32.48
N TYR A 93 -11.85 13.39 -32.19
CA TYR A 93 -11.67 11.95 -32.13
C TYR A 93 -12.57 11.37 -31.03
N LEU A 94 -12.52 11.98 -29.86
CA LEU A 94 -13.31 11.53 -28.71
C LEU A 94 -14.81 11.54 -29.03
N GLN A 95 -15.28 12.62 -29.62
CA GLN A 95 -16.69 12.76 -29.99
C GLN A 95 -17.11 11.66 -30.97
N SER A 96 -16.31 11.46 -32.01
CA SER A 96 -16.60 10.43 -33.01
C SER A 96 -16.58 9.04 -32.41
N PHE A 97 -15.57 8.76 -31.59
CA PHE A 97 -15.42 7.46 -30.95
C PHE A 97 -16.60 7.17 -30.03
N ILE A 98 -16.88 8.11 -29.13
CA ILE A 98 -17.94 7.95 -28.14
C ILE A 98 -19.36 7.91 -28.72
N THR A 99 -19.52 8.35 -29.97
CA THR A 99 -20.82 8.32 -30.62
C THR A 99 -21.35 6.88 -30.71
N TYR A 100 -20.43 5.93 -30.83
CA TYR A 100 -20.80 4.52 -30.92
C TYR A 100 -21.33 3.98 -29.59
N ALA A 101 -21.21 4.78 -28.54
CA ALA A 101 -21.65 4.37 -27.20
C ALA A 101 -20.63 3.43 -26.56
N SER A 102 -21.06 2.68 -25.54
CA SER A 102 -20.17 1.78 -24.85
C SER A 102 -20.82 0.44 -24.53
N PRO A 103 -20.03 -0.56 -24.10
CA PRO A 103 -20.60 -1.87 -23.79
C PRO A 103 -21.70 -1.85 -22.75
N ALA A 104 -22.73 -2.65 -22.99
CA ALA A 104 -23.84 -2.72 -22.05
C ALA A 104 -23.36 -3.36 -20.75
N GLY A 105 -24.04 -3.00 -19.65
CA GLY A 105 -23.71 -3.58 -18.36
C GLY A 105 -24.53 -4.85 -18.23
N MET A 106 -24.80 -5.25 -17.00
CA MET A 106 -25.56 -6.46 -16.75
C MET A 106 -27.01 -6.31 -17.11
N PRO A 107 -27.65 -7.42 -17.51
CA PRO A 107 -29.06 -7.36 -17.87
C PRO A 107 -29.88 -7.12 -16.59
N ASN A 108 -31.11 -6.66 -16.75
CA ASN A 108 -32.02 -6.43 -15.63
C ASN A 108 -31.66 -5.34 -14.64
N TRP A 109 -30.76 -4.44 -15.01
CA TRP A 109 -30.37 -3.31 -14.17
C TRP A 109 -29.27 -2.47 -14.78
N GLY A 110 -28.39 -3.11 -15.55
CA GLY A 110 -27.28 -2.41 -16.16
C GLY A 110 -27.63 -1.49 -17.30
N THR A 111 -26.66 -0.70 -17.72
CA THR A 111 -26.85 0.25 -18.79
C THR A 111 -26.92 -0.43 -20.16
N SER A 112 -27.58 0.25 -21.09
CA SER A 112 -27.70 -0.22 -22.46
C SER A 112 -26.43 0.22 -23.17
N GLY A 113 -25.76 1.22 -22.62
CA GLY A 113 -24.56 1.74 -23.23
C GLY A 113 -24.83 2.78 -24.30
N GLU A 114 -26.10 3.10 -24.55
CA GLU A 114 -26.46 4.08 -25.58
C GLU A 114 -26.41 5.51 -25.07
N LEU A 115 -25.90 6.42 -25.91
CA LEU A 115 -25.76 7.82 -25.54
C LEU A 115 -26.39 8.74 -26.57
N SER A 116 -27.00 9.82 -26.09
CA SER A 116 -27.60 10.82 -26.98
C SER A 116 -26.45 11.68 -27.50
N ALA A 117 -26.72 12.51 -28.50
CA ALA A 117 -25.69 13.39 -29.06
C ALA A 117 -25.16 14.33 -27.98
N GLU A 118 -26.06 14.81 -27.13
CA GLU A 118 -25.70 15.72 -26.04
C GLU A 118 -24.78 15.01 -25.04
N GLN A 119 -25.15 13.79 -24.67
CA GLN A 119 -24.33 13.01 -23.72
C GLN A 119 -22.95 12.72 -24.30
N VAL A 120 -22.89 12.43 -25.59
CA VAL A 120 -21.62 12.14 -26.25
C VAL A 120 -20.67 13.32 -26.10
N ASP A 121 -21.16 14.53 -26.36
CA ASP A 121 -20.34 15.73 -26.24
C ASP A 121 -19.90 15.93 -24.80
N LEU A 122 -20.82 15.68 -23.87
CA LEU A 122 -20.50 15.82 -22.45
C LEU A 122 -19.34 14.91 -22.08
N MET A 123 -19.41 13.64 -22.53
CA MET A 123 -18.36 12.68 -22.22
C MET A 123 -17.01 13.05 -22.85
N ALA A 124 -17.03 13.51 -24.09
CA ALA A 124 -15.80 13.91 -24.76
C ALA A 124 -15.17 15.06 -23.99
N ASN A 125 -15.99 16.05 -23.60
CA ASN A 125 -15.50 17.20 -22.85
C ASN A 125 -15.01 16.79 -21.45
N TYR A 126 -15.75 15.89 -20.80
CA TYR A 126 -15.41 15.42 -19.46
C TYR A 126 -14.03 14.78 -19.46
N LEU A 127 -13.76 13.98 -20.48
CA LEU A 127 -12.46 13.29 -20.59
C LEU A 127 -11.27 14.22 -20.79
N LEU A 128 -11.54 15.43 -21.27
CA LEU A 128 -10.48 16.41 -21.50
C LEU A 128 -10.15 17.21 -20.23
N LEU A 129 -10.98 17.07 -19.21
CA LEU A 129 -10.79 17.79 -17.96
C LEU A 129 -10.04 16.95 -16.92
N ASP A 130 -9.50 17.61 -15.90
CA ASP A 130 -8.76 16.95 -14.82
C ASP A 130 -9.74 16.46 -13.76
N PRO A 131 -9.78 15.15 -13.52
CA PRO A 131 -10.70 14.61 -12.51
C PRO A 131 -10.14 14.66 -11.10
N ALA A 132 -11.02 14.78 -10.12
CA ALA A 132 -10.62 14.77 -8.72
C ALA A 132 -10.81 13.33 -8.28
N ALA A 133 -10.16 12.95 -7.20
CA ALA A 133 -10.34 11.60 -6.68
C ALA A 133 -11.53 11.64 -5.73
N PRO A 134 -12.39 10.61 -5.80
CA PRO A 134 -13.55 10.61 -4.89
C PRO A 134 -13.05 10.57 -3.44
N PRO A 135 -13.90 10.95 -2.49
CA PRO A 135 -13.50 10.94 -1.07
C PRO A 135 -13.04 9.58 -0.55
N GLU A 136 -12.10 9.63 0.38
CA GLU A 136 -11.61 8.43 1.03
C GLU A 136 -12.68 8.07 2.06
N PHE A 137 -12.51 6.93 2.71
CA PHE A 137 -13.47 6.47 3.71
C PHE A 137 -12.67 5.67 4.72
N GLY A 138 -12.29 6.34 5.80
CA GLY A 138 -11.48 5.70 6.82
C GLY A 138 -12.16 5.35 8.11
N MET A 139 -11.35 5.14 9.15
CA MET A 139 -11.85 4.75 10.45
C MET A 139 -12.89 5.67 11.05
N LYS A 140 -12.70 6.99 10.94
CA LYS A 140 -13.65 7.94 11.50
C LYS A 140 -15.03 7.71 10.90
N GLU A 141 -15.06 7.64 9.57
CA GLU A 141 -16.32 7.45 8.83
C GLU A 141 -16.94 6.08 9.16
N MET A 142 -16.10 5.07 9.23
CA MET A 142 -16.57 3.71 9.56
C MET A 142 -17.18 3.66 10.95
N ARG A 143 -16.46 4.20 11.94
CA ARG A 143 -16.96 4.20 13.29
C ARG A 143 -18.26 5.02 13.40
N GLU A 144 -18.39 6.06 12.60
CA GLU A 144 -19.59 6.87 12.61
C GLU A 144 -20.79 6.01 12.16
N SER A 145 -20.56 5.14 11.18
CA SER A 145 -21.62 4.29 10.64
C SER A 145 -21.85 3.02 11.44
N TRP A 146 -20.91 2.69 12.32
CA TRP A 146 -20.97 1.48 13.11
C TRP A 146 -22.06 1.48 14.16
N LYS A 147 -22.98 0.54 14.04
CA LYS A 147 -24.09 0.42 14.97
C LYS A 147 -24.26 -1.02 15.43
N VAL A 148 -24.22 -1.23 16.74
CA VAL A 148 -24.43 -2.56 17.29
C VAL A 148 -25.84 -2.53 17.84
N HIS A 149 -26.77 -3.16 17.11
CA HIS A 149 -28.16 -3.19 17.48
C HIS A 149 -28.43 -4.10 18.66
N VAL A 150 -27.77 -5.26 18.69
CA VAL A 150 -27.91 -6.19 19.80
C VAL A 150 -26.50 -6.60 20.24
N ALA A 151 -26.09 -6.12 21.40
CA ALA A 151 -24.77 -6.44 21.94
C ALA A 151 -24.66 -7.95 22.17
N PRO A 152 -23.45 -8.51 21.98
CA PRO A 152 -23.25 -9.95 22.16
C PRO A 152 -23.86 -10.53 23.44
N GLU A 153 -23.68 -9.83 24.56
CA GLU A 153 -24.20 -10.29 25.84
C GLU A 153 -25.73 -10.36 25.90
N ASP A 154 -26.40 -9.67 24.98
CA ASP A 154 -27.86 -9.66 24.94
C ASP A 154 -28.43 -10.63 23.90
N ARG A 155 -27.53 -11.34 23.22
CA ARG A 155 -27.95 -12.32 22.22
C ARG A 155 -28.14 -13.68 22.87
N PRO A 156 -28.86 -14.59 22.20
CA PRO A 156 -29.10 -15.92 22.75
C PRO A 156 -27.80 -16.71 22.96
N THR A 157 -27.85 -17.70 23.85
CA THR A 157 -26.68 -18.54 24.10
C THR A 157 -26.88 -19.88 23.39
N GLN A 158 -28.02 -20.03 22.73
CA GLN A 158 -28.37 -21.23 21.95
C GLN A 158 -29.45 -20.82 20.96
N GLN A 159 -29.65 -21.63 19.93
CA GLN A 159 -30.66 -21.34 18.91
C GLN A 159 -32.05 -21.25 19.55
N MET A 160 -32.72 -20.11 19.34
CA MET A 160 -34.04 -19.88 19.91
C MET A 160 -35.21 -20.00 18.95
N ASN A 161 -34.94 -20.29 17.69
CA ASN A 161 -36.02 -20.51 16.73
C ASN A 161 -35.94 -21.99 16.40
N ASP A 162 -36.92 -22.52 15.67
CA ASP A 162 -36.93 -23.94 15.33
C ASP A 162 -36.53 -24.23 13.89
N TRP A 163 -35.86 -23.27 13.26
CA TRP A 163 -35.46 -23.44 11.87
C TRP A 163 -34.32 -24.44 11.72
N ASP A 164 -34.20 -24.99 10.52
CA ASP A 164 -33.09 -25.89 10.20
C ASP A 164 -32.08 -24.90 9.58
N LEU A 165 -31.27 -24.29 10.43
CA LEU A 165 -30.32 -23.28 9.96
C LEU A 165 -29.32 -23.72 8.89
N GLU A 166 -28.72 -24.88 9.07
CA GLU A 166 -27.74 -25.33 8.09
C GLU A 166 -28.31 -25.60 6.70
N ASN A 167 -29.62 -25.83 6.62
CA ASN A 167 -30.23 -26.06 5.31
C ASN A 167 -30.95 -24.83 4.77
N LEU A 168 -30.77 -23.70 5.44
CA LEU A 168 -31.37 -22.45 5.04
C LEU A 168 -30.62 -21.87 3.84
N PHE A 169 -31.34 -21.17 2.97
CA PHE A 169 -30.75 -20.49 1.83
C PHE A 169 -30.95 -18.99 2.02
N SER A 170 -29.88 -18.22 1.86
CA SER A 170 -29.93 -16.77 1.97
C SER A 170 -29.91 -16.27 0.53
N VAL A 171 -31.03 -15.71 0.10
CA VAL A 171 -31.23 -15.26 -1.27
C VAL A 171 -31.29 -13.75 -1.44
N THR A 172 -30.47 -13.24 -2.33
CA THR A 172 -30.44 -11.82 -2.62
C THR A 172 -31.68 -11.42 -3.43
N LEU A 173 -32.44 -10.45 -2.92
CA LEU A 173 -33.60 -9.91 -3.63
C LEU A 173 -32.97 -8.57 -4.03
N ARG A 174 -32.19 -8.64 -5.10
CA ARG A 174 -31.38 -7.53 -5.54
C ARG A 174 -31.82 -6.09 -5.44
N ASP A 175 -32.69 -5.71 -6.35
CA ASP A 175 -33.15 -4.32 -6.43
C ASP A 175 -33.89 -3.80 -5.21
N ALA A 176 -34.51 -4.67 -4.44
CA ALA A 176 -35.26 -4.25 -3.26
C ALA A 176 -34.37 -4.06 -2.04
N GLY A 177 -33.09 -4.42 -2.17
CA GLY A 177 -32.16 -4.29 -1.07
C GLY A 177 -32.61 -5.12 0.11
N GLN A 178 -33.00 -6.36 -0.20
CA GLN A 178 -33.46 -7.29 0.82
C GLN A 178 -32.86 -8.66 0.55
N ILE A 179 -33.02 -9.54 1.53
CA ILE A 179 -32.62 -10.93 1.39
C ILE A 179 -33.77 -11.75 1.93
N ALA A 180 -33.92 -12.95 1.37
CA ALA A 180 -34.94 -13.88 1.82
C ALA A 180 -34.23 -15.07 2.43
N LEU A 181 -34.67 -15.50 3.61
CA LEU A 181 -34.12 -16.68 4.26
C LEU A 181 -35.17 -17.75 3.96
N ILE A 182 -34.78 -18.75 3.18
CA ILE A 182 -35.70 -19.79 2.73
C ILE A 182 -35.33 -21.19 3.21
N ASP A 183 -36.32 -21.90 3.72
CA ASP A 183 -36.15 -23.26 4.22
C ASP A 183 -35.76 -24.14 3.03
N GLY A 184 -34.61 -24.80 3.13
CA GLY A 184 -34.14 -25.63 2.05
C GLY A 184 -34.91 -26.90 1.77
N SER A 185 -35.77 -27.32 2.69
CA SER A 185 -36.56 -28.54 2.50
C SER A 185 -38.03 -28.28 2.19
N THR A 186 -38.63 -27.30 2.85
CA THR A 186 -40.03 -26.97 2.63
C THR A 186 -40.23 -25.84 1.64
N TYR A 187 -39.16 -25.11 1.37
CA TYR A 187 -39.18 -23.96 0.45
C TYR A 187 -39.99 -22.78 0.99
N GLU A 188 -40.28 -22.81 2.29
CA GLU A 188 -41.01 -21.72 2.94
C GLU A 188 -40.07 -20.52 3.14
N ILE A 189 -40.53 -19.32 2.81
CA ILE A 189 -39.74 -18.13 3.04
C ILE A 189 -39.92 -17.85 4.53
N LYS A 190 -38.87 -18.11 5.29
CA LYS A 190 -38.90 -17.92 6.74
C LYS A 190 -38.94 -16.44 7.11
N THR A 191 -38.26 -15.61 6.34
CA THR A 191 -38.22 -14.19 6.61
C THR A 191 -37.58 -13.43 5.47
N VAL A 192 -37.97 -12.18 5.32
CA VAL A 192 -37.40 -11.29 4.33
C VAL A 192 -36.87 -10.13 5.16
N LEU A 193 -35.57 -9.89 5.04
CA LEU A 193 -34.90 -8.83 5.78
C LEU A 193 -34.46 -7.67 4.91
N ASP A 194 -34.68 -6.47 5.40
CA ASP A 194 -34.28 -5.26 4.68
C ASP A 194 -32.84 -4.93 5.04
N THR A 195 -32.07 -4.53 4.04
CA THR A 195 -30.69 -4.12 4.25
C THR A 195 -30.62 -2.68 3.72
N GLY A 196 -31.62 -2.31 2.94
CA GLY A 196 -31.71 -0.96 2.39
C GLY A 196 -30.70 -0.65 1.31
N TYR A 197 -30.19 -1.69 0.67
CA TYR A 197 -29.18 -1.54 -0.37
C TYR A 197 -29.02 -2.91 -1.05
N ALA A 198 -28.73 -2.94 -2.34
CA ALA A 198 -28.57 -4.21 -3.04
C ALA A 198 -27.41 -5.02 -2.44
N VAL A 199 -27.73 -6.20 -1.93
CA VAL A 199 -26.76 -7.11 -1.34
C VAL A 199 -26.08 -7.84 -2.49
N HIS A 200 -24.77 -8.03 -2.41
CA HIS A 200 -24.07 -8.75 -3.47
C HIS A 200 -23.89 -10.22 -3.15
N ILE A 201 -23.43 -10.53 -1.95
CA ILE A 201 -23.28 -11.93 -1.55
C ILE A 201 -23.56 -12.06 -0.06
N SER A 202 -23.84 -13.30 0.32
CA SER A 202 -24.07 -13.69 1.71
C SER A 202 -22.94 -14.64 2.05
N ARG A 203 -22.37 -14.49 3.24
CA ARG A 203 -21.32 -15.37 3.71
C ARG A 203 -21.67 -15.73 5.15
N LEU A 204 -21.27 -16.91 5.58
CA LEU A 204 -21.57 -17.39 6.93
C LEU A 204 -20.34 -17.52 7.77
N SER A 205 -20.48 -17.27 9.06
CA SER A 205 -19.36 -17.48 9.98
C SER A 205 -19.08 -18.99 9.99
N ALA A 206 -17.90 -19.39 10.43
CA ALA A 206 -17.52 -20.80 10.43
C ALA A 206 -18.42 -21.69 11.26
N SER A 207 -19.06 -21.14 12.29
CA SER A 207 -19.96 -21.91 13.13
C SER A 207 -21.35 -22.01 12.52
N GLY A 208 -21.63 -21.12 11.56
CA GLY A 208 -22.93 -21.09 10.89
C GLY A 208 -23.95 -20.25 11.62
N ARG A 209 -23.56 -19.63 12.73
CA ARG A 209 -24.50 -18.81 13.50
C ARG A 209 -24.75 -17.45 12.90
N TYR A 210 -23.69 -16.81 12.42
CA TYR A 210 -23.80 -15.48 11.89
C TYR A 210 -23.77 -15.37 10.38
N LEU A 211 -24.75 -14.66 9.87
CA LEU A 211 -24.94 -14.42 8.44
C LEU A 211 -24.46 -13.00 8.16
N PHE A 212 -23.51 -12.87 7.24
CA PHE A 212 -22.98 -11.57 6.85
C PHE A 212 -23.37 -11.26 5.42
N VAL A 213 -23.81 -10.04 5.17
CA VAL A 213 -24.15 -9.61 3.82
C VAL A 213 -23.42 -8.31 3.54
N ILE A 214 -22.97 -8.14 2.31
CA ILE A 214 -22.28 -6.93 1.89
C ILE A 214 -23.08 -6.28 0.77
N GLY A 215 -23.40 -5.02 0.95
CA GLY A 215 -24.13 -4.29 -0.06
C GLY A 215 -23.17 -3.66 -1.02
N ARG A 216 -23.62 -3.43 -2.24
CA ARG A 216 -22.77 -2.82 -3.25
C ARG A 216 -22.29 -1.44 -2.83
N ASP A 217 -23.05 -0.79 -1.94
CA ASP A 217 -22.72 0.55 -1.45
C ASP A 217 -21.71 0.53 -0.29
N GLY A 218 -21.19 -0.64 0.04
CA GLY A 218 -20.22 -0.75 1.12
C GLY A 218 -20.81 -1.02 2.49
N LYS A 219 -22.11 -1.26 2.55
CA LYS A 219 -22.78 -1.52 3.82
C LYS A 219 -22.71 -2.99 4.19
N VAL A 220 -22.31 -3.28 5.43
CA VAL A 220 -22.21 -4.64 5.93
C VAL A 220 -23.25 -4.82 7.03
N ASN A 221 -23.98 -5.91 6.98
CA ASN A 221 -24.98 -6.25 8.00
C ASN A 221 -24.65 -7.65 8.49
N MET A 222 -24.69 -7.86 9.80
CA MET A 222 -24.48 -9.18 10.36
C MET A 222 -25.77 -9.54 11.10
N ILE A 223 -26.25 -10.75 10.79
CA ILE A 223 -27.49 -11.26 11.32
C ILE A 223 -27.26 -12.49 12.19
N ASP A 224 -27.90 -12.51 13.35
CA ASP A 224 -27.76 -13.62 14.29
C ASP A 224 -28.89 -14.63 14.02
N LEU A 225 -28.53 -15.73 13.39
CA LEU A 225 -29.50 -16.76 13.06
C LEU A 225 -30.08 -17.50 14.27
N TRP A 226 -29.53 -17.28 15.46
CA TRP A 226 -30.04 -17.95 16.66
C TRP A 226 -31.22 -17.23 17.29
N MET A 227 -31.43 -15.98 16.90
CA MET A 227 -32.53 -15.21 17.46
C MET A 227 -33.87 -15.81 17.10
N LYS A 228 -34.84 -15.64 17.98
CA LYS A 228 -36.18 -16.13 17.74
C LYS A 228 -36.62 -15.57 16.38
N GLU A 229 -36.35 -14.29 16.17
CA GLU A 229 -36.65 -13.60 14.92
C GLU A 229 -35.32 -13.02 14.45
N PRO A 230 -34.60 -13.77 13.59
CA PRO A 230 -33.31 -13.28 13.08
C PRO A 230 -33.40 -11.88 12.46
N THR A 231 -32.48 -11.01 12.83
CA THR A 231 -32.43 -9.65 12.33
C THR A 231 -30.97 -9.17 12.38
N THR A 232 -30.73 -7.98 11.84
CA THR A 232 -29.39 -7.40 11.85
C THR A 232 -29.02 -7.02 13.28
N VAL A 233 -27.96 -7.63 13.82
CA VAL A 233 -27.51 -7.32 15.17
C VAL A 233 -26.41 -6.24 15.16
N ALA A 234 -25.83 -5.98 13.99
CA ALA A 234 -24.79 -4.98 13.82
C ALA A 234 -24.64 -4.62 12.36
N GLU A 235 -24.22 -3.39 12.10
CA GLU A 235 -24.02 -2.93 10.74
C GLU A 235 -22.90 -1.91 10.74
N ILE A 236 -22.29 -1.72 9.57
CA ILE A 236 -21.21 -0.76 9.43
C ILE A 236 -20.99 -0.53 7.94
N LYS A 237 -20.50 0.65 7.60
CA LYS A 237 -20.20 0.99 6.21
C LYS A 237 -18.68 0.98 6.13
N ILE A 238 -18.14 0.32 5.11
CA ILE A 238 -16.69 0.20 4.95
C ILE A 238 -16.09 0.83 3.70
N GLY A 239 -16.93 1.50 2.92
CA GLY A 239 -16.47 2.15 1.71
C GLY A 239 -17.66 2.68 0.95
N SER A 240 -17.46 3.08 -0.29
CA SER A 240 -18.53 3.62 -1.13
C SER A 240 -19.01 2.59 -2.15
N GLU A 241 -18.10 1.68 -2.53
CA GLU A 241 -18.42 0.62 -3.48
C GLU A 241 -17.69 -0.63 -3.01
N ALA A 242 -18.44 -1.71 -2.78
CA ALA A 242 -17.84 -2.95 -2.31
C ALA A 242 -18.65 -4.12 -2.86
N ARG A 243 -18.01 -5.27 -3.00
CA ARG A 243 -18.69 -6.46 -3.51
C ARG A 243 -18.31 -7.76 -2.80
N SER A 244 -17.35 -7.71 -1.88
CA SER A 244 -16.91 -8.93 -1.23
C SER A 244 -16.80 -8.90 0.29
N ILE A 245 -17.00 -10.09 0.87
CA ILE A 245 -16.93 -10.27 2.31
C ILE A 245 -16.66 -11.73 2.56
N GLU A 246 -16.00 -12.03 3.67
CA GLU A 246 -15.71 -13.40 4.06
C GLU A 246 -15.47 -13.43 5.56
N THR A 247 -15.57 -14.63 6.12
CA THR A 247 -15.37 -14.86 7.54
C THR A 247 -14.14 -15.74 7.80
N SER A 248 -13.61 -15.69 9.01
CA SER A 248 -12.43 -16.48 9.37
C SER A 248 -12.78 -17.97 9.41
N LYS A 249 -11.99 -18.79 8.72
CA LYS A 249 -12.27 -20.21 8.64
C LYS A 249 -11.19 -21.17 9.11
N MET A 250 -10.14 -20.65 9.73
CA MET A 250 -9.07 -21.49 10.24
C MET A 250 -9.58 -22.08 11.55
N GLU A 251 -9.35 -23.37 11.77
CA GLU A 251 -9.79 -24.00 13.02
C GLU A 251 -9.22 -23.24 14.20
N GLY A 252 -10.08 -22.96 15.17
CA GLY A 252 -9.66 -22.21 16.35
C GLY A 252 -9.99 -20.73 16.23
N TRP A 253 -10.31 -20.29 15.02
CA TRP A 253 -10.63 -18.89 14.77
C TRP A 253 -12.07 -18.70 14.31
N GLU A 254 -12.91 -19.69 14.60
CA GLU A 254 -14.31 -19.63 14.21
C GLU A 254 -14.97 -18.42 14.85
N ASP A 255 -15.70 -17.66 14.03
CA ASP A 255 -16.44 -16.49 14.44
C ASP A 255 -15.61 -15.31 14.95
N LYS A 256 -14.29 -15.37 14.81
CA LYS A 256 -13.44 -14.30 15.29
C LYS A 256 -13.43 -13.03 14.44
N TYR A 257 -13.39 -13.19 13.13
CA TYR A 257 -13.32 -12.04 12.23
C TYR A 257 -14.12 -12.18 10.96
N ALA A 258 -14.35 -11.02 10.35
CA ALA A 258 -14.99 -10.90 9.06
C ALA A 258 -14.12 -9.88 8.33
N ILE A 259 -14.10 -9.96 7.01
CA ILE A 259 -13.32 -9.05 6.21
C ILE A 259 -14.14 -8.61 5.01
N ALA A 260 -14.10 -7.32 4.68
CA ALA A 260 -14.81 -6.79 3.53
C ALA A 260 -13.82 -6.19 2.56
N GLY A 261 -14.15 -6.30 1.27
CA GLY A 261 -13.30 -5.76 0.22
C GLY A 261 -14.05 -4.68 -0.53
N ALA A 262 -13.36 -3.59 -0.83
CA ALA A 262 -13.97 -2.46 -1.51
C ALA A 262 -13.32 -2.15 -2.85
N TYR A 263 -14.12 -1.57 -3.74
CA TYR A 263 -13.69 -1.10 -5.05
C TYR A 263 -13.24 0.35 -4.81
N TRP A 264 -14.05 1.11 -4.07
CA TRP A 264 -13.69 2.48 -3.71
C TRP A 264 -14.08 2.78 -2.28
N PRO A 265 -13.13 3.19 -1.45
CA PRO A 265 -11.71 3.38 -1.80
C PRO A 265 -11.12 1.98 -2.01
N PRO A 266 -9.94 1.88 -2.68
CA PRO A 266 -9.32 0.56 -2.88
C PRO A 266 -8.74 0.12 -1.54
N GLN A 267 -9.49 -0.70 -0.82
CA GLN A 267 -9.05 -1.15 0.49
C GLN A 267 -9.86 -2.33 0.97
N TYR A 268 -9.33 -3.01 1.98
CA TYR A 268 -10.05 -4.09 2.63
C TYR A 268 -10.06 -3.78 4.11
N VAL A 269 -11.08 -4.27 4.79
CA VAL A 269 -11.25 -3.98 6.20
C VAL A 269 -11.55 -5.23 7.02
N ILE A 270 -10.78 -5.45 8.08
CA ILE A 270 -11.00 -6.60 8.95
C ILE A 270 -11.80 -6.08 10.15
N MET A 271 -12.91 -6.76 10.42
CA MET A 271 -13.86 -6.41 11.48
C MET A 271 -14.02 -7.53 12.50
N ASP A 272 -14.36 -7.14 13.73
CA ASP A 272 -14.61 -8.08 14.80
C ASP A 272 -15.78 -8.93 14.33
N GLY A 273 -15.63 -10.25 14.42
CA GLY A 273 -16.67 -11.16 13.96
C GLY A 273 -17.96 -11.19 14.76
N GLU A 274 -17.95 -10.58 15.93
CA GLU A 274 -19.13 -10.56 16.78
C GLU A 274 -19.85 -9.22 16.81
N THR A 275 -19.10 -8.14 16.60
CA THR A 275 -19.69 -6.80 16.68
C THR A 275 -19.53 -5.94 15.43
N LEU A 276 -18.65 -6.37 14.52
CA LEU A 276 -18.33 -5.63 13.30
C LEU A 276 -17.42 -4.43 13.59
N GLU A 277 -16.89 -4.34 14.80
CA GLU A 277 -16.00 -3.21 15.11
C GLU A 277 -14.86 -3.23 14.08
N PRO A 278 -14.61 -2.09 13.42
CA PRO A 278 -13.53 -2.04 12.43
C PRO A 278 -12.17 -2.06 13.13
N LYS A 279 -11.39 -3.07 12.82
CA LYS A 279 -10.09 -3.25 13.45
C LYS A 279 -8.89 -2.85 12.61
N LYS A 280 -8.91 -3.16 11.32
CA LYS A 280 -7.75 -2.83 10.48
C LYS A 280 -8.19 -2.53 9.07
N ILE A 281 -7.74 -1.40 8.57
CA ILE A 281 -8.04 -1.00 7.20
C ILE A 281 -6.71 -1.06 6.45
N GLN A 282 -6.70 -1.71 5.28
CA GLN A 282 -5.50 -1.83 4.48
C GLN A 282 -5.77 -1.31 3.08
N SER A 283 -4.99 -0.35 2.66
CA SER A 283 -5.10 0.19 1.31
C SER A 283 -4.53 -0.84 0.34
N THR A 284 -5.11 -0.91 -0.85
CA THR A 284 -4.61 -1.83 -1.87
C THR A 284 -3.92 -1.07 -3.00
N ARG A 285 -3.77 0.24 -2.83
CA ARG A 285 -3.03 1.05 -3.82
C ARG A 285 -1.64 0.44 -3.87
N GLY A 286 -1.05 0.31 -5.04
CA GLY A 286 0.26 -0.28 -5.10
C GLY A 286 0.77 -0.48 -6.50
N MET A 287 1.75 -1.36 -6.63
CA MET A 287 2.40 -1.63 -7.91
C MET A 287 1.88 -2.87 -8.63
N THR A 288 1.78 -2.81 -9.95
CA THR A 288 1.37 -3.97 -10.73
C THR A 288 2.49 -5.00 -10.60
N TYR A 289 2.14 -6.27 -10.56
CA TYR A 289 3.15 -7.33 -10.39
C TYR A 289 4.16 -7.47 -11.53
N ASP A 290 3.69 -7.32 -12.77
CA ASP A 290 4.57 -7.51 -13.92
C ASP A 290 5.40 -6.31 -14.37
N GLU A 291 4.76 -5.22 -14.74
CA GLU A 291 5.50 -4.05 -15.21
C GLU A 291 6.00 -3.22 -14.03
N GLN A 292 5.53 -3.54 -12.83
CA GLN A 292 5.90 -2.82 -11.62
C GLN A 292 5.77 -1.30 -11.80
N GLU A 293 4.53 -0.91 -12.04
CA GLU A 293 4.13 0.47 -12.22
C GLU A 293 3.03 0.74 -11.21
N TYR A 294 3.01 1.94 -10.64
CA TYR A 294 2.00 2.31 -9.66
C TYR A 294 0.62 2.35 -10.27
N HIS A 295 -0.34 1.80 -9.55
CA HIS A 295 -1.74 1.80 -9.96
C HIS A 295 -2.50 2.40 -8.79
N PRO A 296 -3.21 3.50 -9.03
CA PRO A 296 -3.98 4.17 -7.99
C PRO A 296 -5.36 3.62 -7.65
N GLU A 297 -5.81 2.60 -8.36
CA GLU A 297 -7.16 2.07 -8.11
C GLU A 297 -7.24 0.54 -8.23
N PRO A 298 -6.47 -0.20 -7.39
CA PRO A 298 -6.53 -1.66 -7.47
C PRO A 298 -7.67 -2.18 -6.62
N ARG A 299 -8.76 -2.53 -7.29
CA ARG A 299 -9.93 -3.01 -6.60
C ARG A 299 -9.82 -4.39 -5.98
N VAL A 300 -10.46 -4.56 -4.84
CA VAL A 300 -10.47 -5.86 -4.19
C VAL A 300 -11.62 -6.64 -4.85
N ALA A 301 -11.32 -7.85 -5.29
CA ALA A 301 -12.33 -8.68 -5.92
C ALA A 301 -12.71 -9.77 -4.91
N ALA A 302 -12.65 -11.04 -5.28
CA ALA A 302 -13.02 -12.08 -4.33
C ALA A 302 -12.13 -12.16 -3.10
N ILE A 303 -12.73 -12.54 -1.97
CA ILE A 303 -11.98 -12.75 -0.74
C ILE A 303 -12.40 -14.12 -0.21
N LEU A 304 -11.41 -14.98 0.05
CA LEU A 304 -11.68 -16.29 0.59
C LEU A 304 -10.95 -16.37 1.93
N ALA A 305 -11.11 -17.50 2.61
CA ALA A 305 -10.49 -17.70 3.92
C ALA A 305 -9.74 -19.02 3.91
N SER A 306 -8.49 -18.98 4.38
CA SER A 306 -7.66 -20.16 4.44
C SER A 306 -8.17 -21.15 5.49
N HIS A 307 -7.99 -22.43 5.18
CA HIS A 307 -8.34 -23.52 6.08
C HIS A 307 -7.03 -24.09 6.62
N TYR A 308 -5.90 -23.61 6.12
CA TYR A 308 -4.61 -24.11 6.54
C TYR A 308 -3.85 -23.20 7.50
N ARG A 309 -4.10 -21.90 7.37
CA ARG A 309 -3.46 -20.90 8.22
C ARG A 309 -4.51 -19.86 8.59
N PRO A 310 -4.30 -19.11 9.69
CA PRO A 310 -5.24 -18.08 10.12
C PRO A 310 -5.08 -16.85 9.23
N GLU A 311 -5.49 -17.02 7.97
CA GLU A 311 -5.35 -15.98 6.98
C GLU A 311 -6.56 -15.80 6.09
N PHE A 312 -6.67 -14.59 5.56
CA PHE A 312 -7.69 -14.26 4.58
C PHE A 312 -6.92 -14.24 3.26
N ILE A 313 -7.61 -14.58 2.18
CA ILE A 313 -7.03 -14.64 0.83
C ILE A 313 -7.72 -13.54 0.05
N VAL A 314 -6.97 -12.49 -0.28
CA VAL A 314 -7.55 -11.34 -0.95
C VAL A 314 -7.05 -11.10 -2.36
N ASN A 315 -7.96 -11.09 -3.32
CA ASN A 315 -7.58 -10.83 -4.70
C ASN A 315 -7.58 -9.32 -4.96
N VAL A 316 -6.46 -8.80 -5.47
CA VAL A 316 -6.36 -7.38 -5.83
C VAL A 316 -6.23 -7.39 -7.35
N LYS A 317 -7.34 -7.03 -7.98
CA LYS A 317 -7.50 -7.07 -9.42
C LYS A 317 -6.49 -6.45 -10.35
N GLU A 318 -6.45 -5.12 -10.38
CA GLU A 318 -5.61 -4.39 -11.29
C GLU A 318 -4.11 -4.56 -11.16
N THR A 319 -3.64 -4.86 -9.96
CA THR A 319 -2.21 -5.05 -9.75
C THR A 319 -1.81 -6.52 -9.85
N GLY A 320 -2.78 -7.43 -9.86
CA GLY A 320 -2.45 -8.84 -10.00
C GLY A 320 -1.74 -9.43 -8.79
N LYS A 321 -2.18 -9.04 -7.60
CA LYS A 321 -1.60 -9.51 -6.37
C LYS A 321 -2.63 -10.28 -5.56
N ILE A 322 -2.23 -11.42 -4.99
CA ILE A 322 -3.10 -12.19 -4.10
C ILE A 322 -2.46 -12.00 -2.73
N LEU A 323 -3.21 -11.46 -1.78
CA LEU A 323 -2.67 -11.23 -0.45
C LEU A 323 -3.12 -12.27 0.56
N LEU A 324 -2.17 -12.82 1.31
CA LEU A 324 -2.50 -13.76 2.36
C LEU A 324 -2.29 -12.92 3.61
N VAL A 325 -3.39 -12.57 4.25
CA VAL A 325 -3.38 -11.71 5.41
C VAL A 325 -3.58 -12.47 6.71
N ASP A 326 -2.55 -12.49 7.54
CA ASP A 326 -2.58 -13.20 8.81
C ASP A 326 -3.32 -12.37 9.87
N TYR A 327 -4.46 -12.88 10.34
CA TYR A 327 -5.25 -12.15 11.32
C TYR A 327 -4.96 -12.46 12.79
N THR A 328 -3.86 -13.16 13.07
CA THR A 328 -3.54 -13.48 14.44
C THR A 328 -3.00 -12.25 15.19
N ASP A 329 -2.48 -11.27 14.46
CA ASP A 329 -1.94 -10.05 15.07
C ASP A 329 -2.18 -8.91 14.09
N LEU A 330 -3.16 -8.07 14.40
CA LEU A 330 -3.51 -6.96 13.53
C LEU A 330 -2.65 -5.72 13.75
N ASN A 331 -1.82 -5.70 14.80
CA ASN A 331 -0.94 -4.58 15.07
C ASN A 331 0.40 -4.77 14.37
N ASN A 332 0.94 -5.98 14.45
CA ASN A 332 2.20 -6.35 13.79
C ASN A 332 1.67 -7.26 12.68
N LEU A 333 1.14 -6.62 11.65
CA LEU A 333 0.48 -7.32 10.56
C LEU A 333 1.32 -8.05 9.55
N LYS A 334 1.21 -9.36 9.56
CA LYS A 334 1.94 -10.17 8.62
C LYS A 334 1.12 -10.44 7.38
N THR A 335 1.70 -10.20 6.22
CA THR A 335 1.02 -10.51 4.97
C THR A 335 2.03 -11.05 3.98
N THR A 336 1.53 -11.82 3.02
CA THR A 336 2.34 -12.32 1.94
C THR A 336 1.66 -11.76 0.70
N GLU A 337 2.39 -10.92 -0.04
CA GLU A 337 1.89 -10.28 -1.26
C GLU A 337 2.40 -11.14 -2.40
N ILE A 338 1.51 -11.95 -2.98
CA ILE A 338 1.90 -12.86 -4.06
C ILE A 338 1.70 -12.30 -5.46
N SER A 339 2.79 -12.18 -6.21
CA SER A 339 2.72 -11.73 -7.60
C SER A 339 2.04 -12.87 -8.35
N ALA A 340 0.92 -12.55 -8.98
CA ALA A 340 0.14 -13.55 -9.69
C ALA A 340 -0.05 -13.19 -11.16
N GLU A 341 -1.24 -12.72 -11.52
CA GLU A 341 -1.55 -12.31 -12.88
C GLU A 341 -2.58 -11.20 -12.76
N ARG A 342 -2.51 -10.21 -13.63
CA ARG A 342 -3.45 -9.11 -13.58
C ARG A 342 -4.87 -9.55 -13.91
N PHE A 343 -5.82 -8.83 -13.34
CA PHE A 343 -7.26 -9.02 -13.52
C PHE A 343 -7.87 -10.20 -12.77
N LEU A 344 -7.32 -10.44 -11.59
CA LEU A 344 -7.80 -11.47 -10.70
C LEU A 344 -9.23 -11.08 -10.35
N HIS A 345 -10.14 -12.05 -10.37
CA HIS A 345 -11.50 -11.77 -10.01
C HIS A 345 -12.00 -12.75 -8.95
N ASP A 346 -12.54 -13.88 -9.40
CA ASP A 346 -13.09 -14.88 -8.50
C ASP A 346 -12.34 -16.20 -8.51
N GLY A 347 -12.76 -17.14 -7.69
CA GLY A 347 -12.08 -18.42 -7.64
C GLY A 347 -12.51 -19.18 -6.41
N GLY A 348 -11.92 -20.35 -6.23
CA GLY A 348 -12.27 -21.15 -5.08
C GLY A 348 -11.14 -22.07 -4.71
N LEU A 349 -11.27 -22.70 -3.55
CA LEU A 349 -10.30 -23.66 -3.07
C LEU A 349 -10.62 -25.00 -3.71
N ASP A 350 -9.60 -25.83 -3.85
CA ASP A 350 -9.79 -27.17 -4.41
C ASP A 350 -10.52 -28.02 -3.36
N GLY A 351 -10.77 -29.28 -3.71
CA GLY A 351 -11.48 -30.18 -2.81
C GLY A 351 -10.84 -30.37 -1.45
N SER A 352 -9.52 -30.34 -1.41
CA SER A 352 -8.80 -30.52 -0.17
C SER A 352 -8.73 -29.23 0.64
N HIS A 353 -9.21 -28.13 0.05
CA HIS A 353 -9.18 -26.82 0.69
C HIS A 353 -7.78 -26.28 0.94
N ARG A 354 -6.79 -26.79 0.20
CA ARG A 354 -5.43 -26.32 0.35
C ARG A 354 -4.98 -25.31 -0.70
N TYR A 355 -5.45 -25.48 -1.92
CA TYR A 355 -5.05 -24.62 -3.02
C TYR A 355 -6.15 -23.69 -3.49
N PHE A 356 -5.80 -22.42 -3.66
CA PHE A 356 -6.72 -21.41 -4.14
C PHE A 356 -6.49 -21.30 -5.65
N ILE A 357 -7.57 -21.49 -6.41
CA ILE A 357 -7.53 -21.45 -7.86
C ILE A 357 -8.40 -20.27 -8.25
N THR A 358 -7.78 -19.30 -8.92
CA THR A 358 -8.49 -18.09 -9.25
C THR A 358 -8.30 -17.61 -10.68
N ALA A 359 -9.37 -17.04 -11.23
CA ALA A 359 -9.37 -16.55 -12.60
C ALA A 359 -8.86 -15.11 -12.76
N ALA A 360 -7.80 -14.95 -13.53
CA ALA A 360 -7.28 -13.63 -13.87
C ALA A 360 -8.02 -13.57 -15.21
N ASN A 361 -9.30 -13.21 -15.10
CA ASN A 361 -10.22 -13.29 -16.23
C ASN A 361 -9.89 -12.66 -17.57
N ALA A 362 -9.47 -11.40 -17.56
CA ALA A 362 -9.14 -10.70 -18.81
C ALA A 362 -7.95 -11.32 -19.52
N ARG A 363 -7.14 -12.08 -18.79
CA ARG A 363 -5.97 -12.72 -19.38
C ARG A 363 -6.15 -14.24 -19.60
N ASN A 364 -7.36 -14.72 -19.39
CA ASN A 364 -7.72 -16.13 -19.59
C ASN A 364 -6.87 -17.12 -18.81
N LYS A 365 -6.40 -16.70 -17.64
CA LYS A 365 -5.55 -17.57 -16.83
C LYS A 365 -6.16 -18.00 -15.51
N LEU A 366 -5.70 -19.15 -15.04
CA LEU A 366 -6.06 -19.67 -13.73
C LEU A 366 -4.74 -19.61 -12.97
N VAL A 367 -4.78 -18.95 -11.82
CA VAL A 367 -3.62 -18.82 -10.94
C VAL A 367 -3.87 -19.76 -9.77
N VAL A 368 -2.85 -20.52 -9.39
CA VAL A 368 -2.98 -21.45 -8.28
C VAL A 368 -2.00 -21.09 -7.18
N ILE A 369 -2.53 -20.95 -5.97
CA ILE A 369 -1.74 -20.61 -4.79
C ILE A 369 -1.84 -21.75 -3.79
N ASP A 370 -0.71 -22.10 -3.19
CA ASP A 370 -0.67 -23.12 -2.17
C ASP A 370 -0.85 -22.32 -0.88
N THR A 371 -2.01 -22.46 -0.23
CA THR A 371 -2.26 -21.71 1.00
C THR A 371 -1.49 -22.22 2.21
N LYS A 372 -0.97 -23.44 2.13
CA LYS A 372 -0.19 -23.99 3.24
C LYS A 372 1.22 -23.38 3.21
N GLU A 373 1.82 -23.35 2.04
CA GLU A 373 3.17 -22.82 1.87
C GLU A 373 3.19 -21.31 1.60
N GLY A 374 2.04 -20.76 1.22
CA GLY A 374 1.94 -19.33 0.95
C GLY A 374 2.72 -18.90 -0.27
N LYS A 375 2.57 -19.65 -1.37
CA LYS A 375 3.30 -19.34 -2.58
C LYS A 375 2.53 -19.70 -3.83
N LEU A 376 2.86 -18.99 -4.91
CA LEU A 376 2.28 -19.25 -6.22
C LEU A 376 2.81 -20.62 -6.66
N VAL A 377 1.93 -21.44 -7.23
CA VAL A 377 2.29 -22.77 -7.70
C VAL A 377 2.17 -22.92 -9.21
N ALA A 378 1.23 -22.19 -9.82
CA ALA A 378 1.04 -22.31 -11.27
C ALA A 378 0.16 -21.21 -11.83
N ILE A 379 0.31 -20.99 -13.13
CA ILE A 379 -0.50 -20.04 -13.87
C ILE A 379 -0.69 -20.71 -15.23
N GLU A 380 -1.93 -21.04 -15.56
CA GLU A 380 -2.22 -21.72 -16.81
C GLU A 380 -3.37 -21.09 -17.56
N ASP A 381 -3.23 -21.00 -18.88
CA ASP A 381 -4.26 -20.46 -19.74
C ASP A 381 -5.32 -21.56 -19.92
N THR A 382 -6.60 -21.20 -19.81
CA THR A 382 -7.67 -22.20 -19.94
C THR A 382 -7.99 -22.57 -21.37
N GLY A 383 -7.51 -21.80 -22.35
CA GLY A 383 -7.82 -22.07 -23.73
C GLY A 383 -9.16 -21.45 -24.09
N GLY A 384 -9.85 -20.90 -23.10
CA GLY A 384 -11.13 -20.27 -23.34
C GLY A 384 -11.04 -18.77 -23.15
N GLN A 385 -12.15 -18.08 -23.40
CA GLN A 385 -12.19 -16.63 -23.28
C GLN A 385 -12.91 -16.14 -22.03
N THR A 386 -12.14 -15.52 -21.14
CA THR A 386 -12.66 -14.90 -19.93
C THR A 386 -13.35 -15.85 -18.94
N PRO A 387 -12.55 -16.70 -18.27
CA PRO A 387 -13.13 -17.63 -17.31
C PRO A 387 -13.77 -16.91 -16.13
N HIS A 388 -14.92 -17.42 -15.70
CA HIS A 388 -15.63 -16.86 -14.57
C HIS A 388 -16.20 -18.05 -13.82
N PRO A 389 -15.43 -18.60 -12.88
CA PRO A 389 -15.84 -19.77 -12.11
C PRO A 389 -16.81 -19.60 -10.96
N GLY A 390 -16.92 -18.39 -10.43
CA GLY A 390 -17.67 -18.22 -9.19
C GLY A 390 -16.63 -18.83 -8.27
N ARG A 391 -17.02 -19.78 -7.42
CA ARG A 391 -16.05 -20.48 -6.57
C ARG A 391 -15.63 -21.79 -7.28
N GLY A 392 -16.19 -22.03 -8.46
CA GLY A 392 -15.83 -23.20 -9.23
C GLY A 392 -16.54 -24.48 -8.83
N ALA A 393 -16.08 -25.57 -9.43
CA ALA A 393 -16.69 -26.86 -9.16
C ALA A 393 -15.61 -27.94 -9.05
N ASN A 394 -15.48 -28.49 -7.85
CA ASN A 394 -14.52 -29.56 -7.59
C ASN A 394 -15.21 -30.90 -7.71
N PHE A 395 -14.59 -31.84 -8.41
CA PHE A 395 -15.15 -33.19 -8.50
C PHE A 395 -14.05 -34.17 -8.83
N VAL A 396 -14.35 -35.46 -8.70
CA VAL A 396 -13.37 -36.48 -9.03
C VAL A 396 -13.68 -36.99 -10.42
N HIS A 397 -12.84 -36.62 -11.38
CA HIS A 397 -13.03 -37.05 -12.77
C HIS A 397 -12.65 -38.53 -12.79
N PRO A 398 -13.49 -39.40 -13.38
CA PRO A 398 -13.21 -40.84 -13.46
C PRO A 398 -11.82 -41.23 -13.97
N THR A 399 -11.25 -40.41 -14.83
CA THR A 399 -9.94 -40.68 -15.40
C THR A 399 -8.84 -39.80 -14.83
N PHE A 400 -9.10 -38.50 -14.80
CA PHE A 400 -8.11 -37.54 -14.34
C PHE A 400 -7.89 -37.41 -12.85
N GLY A 401 -8.83 -37.89 -12.05
CA GLY A 401 -8.71 -37.75 -10.60
C GLY A 401 -9.31 -36.41 -10.21
N PRO A 402 -8.98 -35.91 -9.01
CA PRO A 402 -9.51 -34.63 -8.54
C PRO A 402 -9.24 -33.49 -9.52
N VAL A 403 -10.29 -32.74 -9.85
CA VAL A 403 -10.19 -31.60 -10.75
C VAL A 403 -11.10 -30.50 -10.25
N TRP A 404 -10.84 -29.29 -10.75
CA TRP A 404 -11.64 -28.12 -10.44
C TRP A 404 -12.00 -27.59 -11.84
N ALA A 405 -13.25 -27.19 -12.00
CA ALA A 405 -13.75 -26.72 -13.28
C ALA A 405 -14.27 -25.30 -13.26
N THR A 406 -14.20 -24.66 -14.42
CA THR A 406 -14.71 -23.32 -14.62
C THR A 406 -15.32 -23.21 -16.00
N SER A 407 -16.35 -22.39 -16.13
CA SER A 407 -16.91 -22.12 -17.44
C SER A 407 -16.42 -20.70 -17.77
N HIS A 408 -16.85 -20.19 -18.92
CA HIS A 408 -16.40 -18.90 -19.42
C HIS A 408 -17.49 -17.95 -19.87
N MET A 409 -17.24 -16.66 -19.70
CA MET A 409 -18.21 -15.68 -20.14
C MET A 409 -18.05 -15.45 -21.65
N GLY A 410 -16.80 -15.57 -22.12
CA GLY A 410 -16.49 -15.31 -23.52
C GLY A 410 -16.76 -16.39 -24.56
N ASP A 411 -16.95 -17.63 -24.11
CA ASP A 411 -17.24 -18.71 -25.04
C ASP A 411 -17.98 -19.80 -24.29
N ASP A 412 -18.29 -20.89 -24.98
CA ASP A 412 -19.05 -21.99 -24.37
C ASP A 412 -18.22 -23.05 -23.67
N SER A 413 -16.91 -22.84 -23.56
CA SER A 413 -16.05 -23.85 -22.96
C SER A 413 -16.06 -24.01 -21.45
N VAL A 414 -15.81 -25.25 -21.05
CA VAL A 414 -15.70 -25.65 -19.65
C VAL A 414 -14.29 -26.24 -19.61
N ALA A 415 -13.44 -25.74 -18.71
CA ALA A 415 -12.09 -26.21 -18.57
C ALA A 415 -11.89 -26.90 -17.23
N LEU A 416 -11.09 -27.97 -17.24
CA LEU A 416 -10.79 -28.74 -16.04
C LEU A 416 -9.29 -28.63 -15.74
N ILE A 417 -8.95 -28.40 -14.49
CA ILE A 417 -7.55 -28.34 -14.09
C ILE A 417 -7.34 -29.40 -13.00
N GLY A 418 -6.25 -30.16 -13.11
CA GLY A 418 -5.96 -31.19 -12.12
C GLY A 418 -5.59 -30.53 -10.80
N THR A 419 -6.06 -31.08 -9.68
CA THR A 419 -5.80 -30.44 -8.38
C THR A 419 -5.16 -31.39 -7.35
N ASP A 420 -4.48 -32.43 -7.81
CA ASP A 420 -3.90 -33.40 -6.92
C ASP A 420 -2.40 -33.66 -7.16
N PRO A 421 -1.53 -32.77 -6.66
CA PRO A 421 -0.08 -32.92 -6.83
C PRO A 421 0.46 -34.25 -6.31
N GLU A 422 -0.05 -34.70 -5.17
CA GLU A 422 0.39 -35.95 -4.56
C GLU A 422 -0.05 -37.24 -5.25
N GLY A 423 -1.34 -37.35 -5.51
CA GLY A 423 -1.88 -38.54 -6.14
C GLY A 423 -1.89 -38.58 -7.66
N HIS A 424 -1.94 -37.42 -8.29
CA HIS A 424 -1.95 -37.35 -9.74
C HIS A 424 -0.99 -36.23 -10.17
N PRO A 425 0.30 -36.40 -9.88
CA PRO A 425 1.32 -35.39 -10.23
C PRO A 425 1.37 -34.93 -11.69
N ASP A 426 1.19 -35.85 -12.63
CA ASP A 426 1.25 -35.50 -14.04
C ASP A 426 0.07 -34.64 -14.48
N ASN A 427 -1.03 -34.69 -13.74
CA ASN A 427 -2.22 -33.93 -14.07
C ASN A 427 -2.33 -32.63 -13.28
N ALA A 428 -1.55 -32.52 -12.22
CA ALA A 428 -1.61 -31.36 -11.34
C ALA A 428 -1.33 -30.02 -11.99
N TRP A 429 -2.28 -29.11 -11.83
CA TRP A 429 -2.18 -27.75 -12.33
C TRP A 429 -2.05 -27.63 -13.84
N LYS A 430 -2.57 -28.64 -14.54
CA LYS A 430 -2.57 -28.64 -16.00
C LYS A 430 -4.02 -28.66 -16.46
N ILE A 431 -4.32 -27.96 -17.53
CA ILE A 431 -5.66 -27.95 -18.09
C ILE A 431 -5.77 -29.32 -18.77
N LEU A 432 -6.64 -30.15 -18.24
CA LEU A 432 -6.80 -31.52 -18.72
C LEU A 432 -7.81 -31.72 -19.83
N ASP A 433 -8.79 -30.84 -19.90
CA ASP A 433 -9.82 -30.97 -20.92
C ASP A 433 -10.54 -29.64 -21.06
N SER A 434 -11.17 -29.45 -22.20
CA SER A 434 -11.93 -28.26 -22.51
C SER A 434 -13.03 -28.75 -23.43
N PHE A 435 -14.28 -28.49 -23.07
CA PHE A 435 -15.41 -28.93 -23.88
C PHE A 435 -16.55 -27.93 -23.81
N PRO A 436 -17.41 -27.91 -24.84
CA PRO A 436 -18.55 -26.98 -24.89
C PRO A 436 -19.77 -27.33 -24.06
N ALA A 437 -20.42 -26.27 -23.59
CA ALA A 437 -21.65 -26.39 -22.83
C ALA A 437 -22.72 -25.70 -23.69
N LEU A 438 -23.67 -25.00 -23.09
CA LEU A 438 -24.74 -24.36 -23.86
C LEU A 438 -24.33 -23.27 -24.83
N GLY A 439 -23.44 -22.39 -24.38
CA GLY A 439 -23.00 -21.29 -25.21
C GLY A 439 -22.25 -20.28 -24.37
N GLY A 440 -21.86 -19.18 -24.99
CA GLY A 440 -21.14 -18.15 -24.28
C GLY A 440 -22.02 -17.44 -23.26
N GLY A 441 -21.39 -16.68 -22.38
CA GLY A 441 -22.12 -15.94 -21.38
C GLY A 441 -22.36 -16.69 -20.08
N SER A 442 -21.62 -17.76 -19.84
CA SER A 442 -21.78 -18.50 -18.61
C SER A 442 -21.19 -17.71 -17.44
N LEU A 443 -21.78 -17.88 -16.25
CA LEU A 443 -21.30 -17.21 -15.06
C LEU A 443 -20.99 -18.21 -13.94
N PHE A 444 -21.75 -19.29 -13.85
CA PHE A 444 -21.53 -20.24 -12.76
C PHE A 444 -21.63 -21.70 -13.13
N ILE A 445 -20.69 -22.47 -12.57
CA ILE A 445 -20.60 -23.91 -12.74
C ILE A 445 -20.79 -24.51 -11.35
N LYS A 446 -21.46 -25.65 -11.25
CA LYS A 446 -21.71 -26.19 -9.93
C LYS A 446 -21.85 -27.68 -9.85
N THR A 447 -21.41 -28.22 -8.71
CA THR A 447 -21.55 -29.63 -8.41
C THR A 447 -21.48 -29.76 -6.90
N HIS A 448 -21.59 -31.00 -6.42
CA HIS A 448 -21.55 -31.30 -5.00
C HIS A 448 -21.01 -32.71 -4.86
N PRO A 449 -20.32 -33.01 -3.75
CA PRO A 449 -19.79 -34.36 -3.56
C PRO A 449 -20.82 -35.50 -3.71
N ASN A 450 -22.08 -35.25 -3.37
CA ASN A 450 -23.10 -36.29 -3.48
C ASN A 450 -23.77 -36.40 -4.84
N SER A 451 -23.43 -35.48 -5.73
CA SER A 451 -24.00 -35.45 -7.07
C SER A 451 -23.04 -36.02 -8.12
N GLN A 452 -23.61 -36.60 -9.17
CA GLN A 452 -22.82 -37.13 -10.28
C GLN A 452 -22.91 -36.15 -11.45
N TYR A 453 -23.49 -34.97 -11.21
CA TYR A 453 -23.71 -33.98 -12.26
C TYR A 453 -22.95 -32.67 -12.11
N LEU A 454 -22.63 -32.06 -13.25
CA LEU A 454 -21.93 -30.79 -13.34
C LEU A 454 -22.86 -29.86 -14.09
N TYR A 455 -23.34 -28.82 -13.40
CA TYR A 455 -24.27 -27.86 -13.96
C TYR A 455 -23.58 -26.60 -14.45
N VAL A 456 -23.98 -26.11 -15.62
CA VAL A 456 -23.37 -24.91 -16.19
C VAL A 456 -24.43 -23.98 -16.77
N ASP A 457 -24.53 -22.77 -16.23
CA ASP A 457 -25.50 -21.82 -16.75
C ASP A 457 -24.93 -21.04 -17.95
N ALA A 458 -25.75 -20.16 -18.50
CA ALA A 458 -25.36 -19.37 -19.66
C ALA A 458 -26.12 -18.06 -19.59
N THR A 459 -26.11 -17.50 -18.39
CA THR A 459 -26.82 -16.28 -18.05
C THR A 459 -26.76 -15.11 -19.03
N LEU A 460 -25.57 -14.81 -19.52
CA LEU A 460 -25.39 -13.68 -20.41
C LEU A 460 -25.48 -14.00 -21.90
N ASN A 461 -25.95 -15.18 -22.24
CA ASN A 461 -26.05 -15.53 -23.65
C ASN A 461 -27.14 -14.64 -24.27
N PRO A 462 -26.91 -14.16 -25.51
CA PRO A 462 -27.91 -13.30 -26.17
C PRO A 462 -29.17 -14.03 -26.67
N GLU A 463 -29.17 -15.36 -26.61
CA GLU A 463 -30.32 -16.12 -27.05
C GLU A 463 -31.16 -16.49 -25.83
N ALA A 464 -32.41 -16.00 -25.79
CA ALA A 464 -33.31 -16.24 -24.67
C ALA A 464 -33.42 -17.70 -24.23
N GLU A 465 -33.52 -18.60 -25.18
CA GLU A 465 -33.63 -20.02 -24.89
C GLU A 465 -32.40 -20.53 -24.14
N ILE A 466 -31.23 -20.09 -24.56
CA ILE A 466 -29.98 -20.52 -23.95
C ILE A 466 -29.79 -19.91 -22.56
N SER A 467 -30.01 -18.60 -22.45
CA SER A 467 -29.84 -17.93 -21.18
C SER A 467 -30.85 -18.42 -20.14
N GLY A 468 -31.93 -19.02 -20.63
CA GLY A 468 -32.96 -19.56 -19.76
C GLY A 468 -32.79 -21.05 -19.46
N SER A 469 -31.67 -21.62 -19.86
CA SER A 469 -31.42 -23.04 -19.65
C SER A 469 -30.09 -23.31 -18.97
N VAL A 470 -29.89 -24.57 -18.59
CA VAL A 470 -28.68 -25.01 -17.93
C VAL A 470 -28.21 -26.32 -18.54
N ALA A 471 -26.89 -26.44 -18.75
CA ALA A 471 -26.31 -27.66 -19.27
C ALA A 471 -25.94 -28.53 -18.09
N VAL A 472 -26.16 -29.83 -18.20
CA VAL A 472 -25.82 -30.76 -17.12
C VAL A 472 -25.06 -31.93 -17.68
N PHE A 473 -23.81 -32.07 -17.23
CA PHE A 473 -22.93 -33.15 -17.66
C PHE A 473 -22.92 -34.26 -16.62
N ASP A 474 -22.86 -35.50 -17.08
CA ASP A 474 -22.80 -36.66 -16.20
C ASP A 474 -21.31 -36.95 -15.96
N ILE A 475 -20.83 -36.58 -14.78
CA ILE A 475 -19.44 -36.79 -14.41
C ILE A 475 -19.04 -38.26 -14.51
N LYS A 476 -19.92 -39.16 -14.09
CA LYS A 476 -19.63 -40.59 -14.13
C LYS A 476 -19.30 -41.09 -15.53
N ALA A 477 -19.91 -40.49 -16.55
CA ALA A 477 -19.68 -40.89 -17.93
C ALA A 477 -18.45 -40.24 -18.57
N MET A 478 -17.81 -39.30 -17.88
CA MET A 478 -16.64 -38.64 -18.45
C MET A 478 -15.45 -39.59 -18.53
N THR A 479 -14.85 -39.63 -19.70
CA THR A 479 -13.69 -40.48 -19.94
C THR A 479 -12.43 -39.64 -20.10
N GLY A 480 -12.59 -38.40 -20.54
CA GLY A 480 -11.46 -37.54 -20.77
C GLY A 480 -10.66 -38.02 -21.98
N ASP A 481 -11.36 -38.64 -22.93
CA ASP A 481 -10.69 -39.16 -24.12
C ASP A 481 -10.52 -38.14 -25.24
N GLY A 482 -10.90 -36.89 -24.97
CA GLY A 482 -10.77 -35.85 -25.97
C GLY A 482 -12.04 -35.50 -26.70
N SER A 483 -13.04 -36.35 -26.61
CA SER A 483 -14.32 -36.06 -27.26
C SER A 483 -15.07 -35.07 -26.37
N ASP A 484 -16.19 -34.57 -26.85
CA ASP A 484 -16.97 -33.63 -26.08
C ASP A 484 -18.06 -34.37 -25.30
N PRO A 485 -18.02 -34.30 -23.96
CA PRO A 485 -19.01 -34.96 -23.13
C PRO A 485 -20.40 -34.41 -23.45
N GLU A 486 -21.37 -35.29 -23.62
CA GLU A 486 -22.74 -34.87 -23.92
C GLU A 486 -23.30 -34.21 -22.67
N PHE A 487 -24.33 -33.39 -22.85
CA PHE A 487 -24.97 -32.75 -21.71
C PHE A 487 -26.46 -32.69 -21.94
N LYS A 488 -27.21 -32.74 -20.85
CA LYS A 488 -28.65 -32.64 -20.93
C LYS A 488 -28.94 -31.13 -20.72
N THR A 489 -29.91 -30.62 -21.43
CA THR A 489 -30.31 -29.21 -21.30
C THR A 489 -31.58 -29.13 -20.49
N LEU A 490 -31.51 -28.47 -19.33
CA LEU A 490 -32.69 -28.32 -18.48
C LEU A 490 -33.31 -26.97 -18.79
N PRO A 491 -34.59 -26.96 -19.18
CA PRO A 491 -35.32 -25.72 -19.50
C PRO A 491 -35.79 -25.05 -18.21
N ILE A 492 -34.83 -24.58 -17.42
CA ILE A 492 -35.13 -23.95 -16.13
C ILE A 492 -36.16 -22.81 -16.18
N ALA A 493 -35.95 -21.85 -17.06
CA ALA A 493 -36.88 -20.73 -17.15
C ALA A 493 -38.28 -21.22 -17.55
N GLU A 494 -38.33 -22.16 -18.50
CA GLU A 494 -39.59 -22.73 -18.97
C GLU A 494 -40.33 -23.36 -17.79
N TRP A 495 -39.60 -24.10 -16.98
CA TRP A 495 -40.18 -24.76 -15.80
C TRP A 495 -40.79 -23.73 -14.84
N ALA A 496 -40.20 -22.54 -14.77
CA ALA A 496 -40.70 -21.50 -13.89
C ALA A 496 -42.01 -20.89 -14.39
N GLY A 497 -42.30 -21.07 -15.67
CA GLY A 497 -43.54 -20.56 -16.24
C GLY A 497 -43.73 -19.06 -16.14
N ILE A 498 -42.81 -18.31 -16.71
CA ILE A 498 -42.88 -16.85 -16.68
C ILE A 498 -43.15 -16.32 -18.09
N THR A 499 -44.26 -15.61 -18.23
CA THR A 499 -44.68 -15.05 -19.51
C THR A 499 -43.87 -13.85 -20.02
N GLU A 500 -43.67 -12.88 -19.16
CA GLU A 500 -42.97 -11.65 -19.54
C GLU A 500 -41.45 -11.71 -19.63
N GLY A 501 -40.92 -10.87 -20.51
CA GLY A 501 -39.49 -10.77 -20.73
C GLY A 501 -38.78 -12.03 -21.15
N GLN A 502 -37.47 -12.01 -20.96
CA GLN A 502 -36.59 -13.12 -21.28
C GLN A 502 -35.74 -13.30 -20.01
N PRO A 503 -36.34 -13.88 -18.95
CA PRO A 503 -35.64 -14.10 -17.69
C PRO A 503 -34.38 -14.93 -17.86
N ARG A 504 -33.34 -14.57 -17.13
CA ARG A 504 -32.07 -15.26 -17.22
C ARG A 504 -31.83 -16.13 -16.02
N VAL A 505 -31.43 -17.37 -16.29
CA VAL A 505 -31.14 -18.32 -15.24
C VAL A 505 -29.73 -18.08 -14.76
N VAL A 506 -29.55 -18.08 -13.44
CA VAL A 506 -28.24 -17.83 -12.88
C VAL A 506 -27.96 -18.52 -11.56
N GLN A 507 -26.74 -19.02 -11.48
CA GLN A 507 -26.14 -19.62 -10.29
C GLN A 507 -26.78 -20.81 -9.60
N GLY A 508 -26.25 -22.00 -9.85
CA GLY A 508 -26.76 -23.17 -9.15
C GLY A 508 -26.20 -23.15 -7.74
N GLU A 509 -26.97 -23.63 -6.77
CA GLU A 509 -26.55 -23.72 -5.37
C GLU A 509 -27.27 -24.93 -4.77
N PHE A 510 -26.51 -25.84 -4.16
CA PHE A 510 -27.08 -27.03 -3.57
C PHE A 510 -27.55 -26.87 -2.14
N ASN A 511 -28.45 -27.76 -1.73
CA ASN A 511 -28.90 -27.80 -0.35
C ASN A 511 -27.80 -28.51 0.45
N LYS A 512 -27.99 -28.59 1.75
CA LYS A 512 -26.99 -29.22 2.61
C LYS A 512 -26.67 -30.67 2.27
N ASP A 513 -27.70 -31.44 1.95
CA ASP A 513 -27.51 -32.84 1.60
C ASP A 513 -26.96 -33.07 0.20
N GLY A 514 -26.92 -32.01 -0.59
CA GLY A 514 -26.41 -32.13 -1.95
C GLY A 514 -27.32 -32.98 -2.82
N THR A 515 -28.62 -32.94 -2.53
CA THR A 515 -29.62 -33.71 -3.26
C THR A 515 -30.51 -32.85 -4.16
N GLU A 516 -30.48 -31.53 -3.95
CA GLU A 516 -31.29 -30.63 -4.76
C GLU A 516 -30.45 -29.41 -5.09
N VAL A 517 -30.63 -28.87 -6.29
CA VAL A 517 -29.89 -27.70 -6.72
C VAL A 517 -30.87 -26.62 -7.16
N TRP A 518 -30.65 -25.42 -6.65
CA TRP A 518 -31.51 -24.28 -6.94
C TRP A 518 -30.89 -23.35 -7.96
N PHE A 519 -31.75 -22.75 -8.77
CA PHE A 519 -31.34 -21.75 -9.76
C PHE A 519 -32.27 -20.56 -9.65
N SER A 520 -31.74 -19.37 -9.92
CA SER A 520 -32.57 -18.18 -9.91
C SER A 520 -33.02 -17.91 -11.33
N VAL A 521 -34.31 -17.62 -11.50
CA VAL A 521 -34.87 -17.27 -12.81
C VAL A 521 -35.10 -15.77 -12.61
N TRP A 522 -34.07 -15.04 -13.02
CA TRP A 522 -33.95 -13.60 -12.85
C TRP A 522 -34.50 -12.68 -13.91
N ASN A 523 -35.54 -11.96 -13.52
CA ASN A 523 -36.17 -10.97 -14.37
C ASN A 523 -35.98 -9.62 -13.69
N GLY A 524 -36.35 -8.55 -14.39
CA GLY A 524 -36.20 -7.21 -13.85
C GLY A 524 -37.14 -6.92 -12.70
N LYS A 525 -36.91 -5.79 -12.05
CA LYS A 525 -37.68 -5.33 -10.90
C LYS A 525 -39.19 -5.29 -11.14
N ASP A 526 -39.60 -4.89 -12.33
CA ASP A 526 -41.03 -4.79 -12.63
C ASP A 526 -41.57 -6.00 -13.38
N GLN A 527 -40.86 -7.11 -13.30
CA GLN A 527 -41.26 -8.34 -13.97
C GLN A 527 -41.28 -9.50 -12.99
N GLU A 528 -41.81 -10.63 -13.42
CA GLU A 528 -41.91 -11.81 -12.58
C GLU A 528 -40.65 -12.66 -12.60
N SER A 529 -40.22 -13.08 -11.42
CA SER A 529 -39.05 -13.92 -11.24
C SER A 529 -39.45 -15.17 -10.44
N ALA A 530 -38.51 -16.09 -10.28
CA ALA A 530 -38.78 -17.31 -9.54
C ALA A 530 -37.48 -18.01 -9.22
N LEU A 531 -37.55 -18.99 -8.32
CA LEU A 531 -36.41 -19.84 -8.03
C LEU A 531 -36.90 -21.21 -8.47
N VAL A 532 -36.03 -21.99 -9.09
CA VAL A 532 -36.38 -23.34 -9.53
C VAL A 532 -35.48 -24.33 -8.81
N VAL A 533 -36.08 -25.33 -8.17
CA VAL A 533 -35.35 -26.36 -7.45
C VAL A 533 -35.40 -27.62 -8.31
N VAL A 534 -34.24 -28.18 -8.58
CA VAL A 534 -34.11 -29.37 -9.39
C VAL A 534 -33.71 -30.55 -8.51
N ASP A 535 -34.35 -31.69 -8.74
CA ASP A 535 -34.01 -32.91 -8.01
C ASP A 535 -32.72 -33.39 -8.68
N ASP A 536 -31.62 -33.38 -7.94
CA ASP A 536 -30.34 -33.77 -8.50
C ASP A 536 -30.25 -35.21 -9.00
N LYS A 537 -30.89 -36.14 -8.31
CA LYS A 537 -30.82 -37.55 -8.72
C LYS A 537 -31.47 -37.85 -10.06
N THR A 538 -32.60 -37.19 -10.31
CA THR A 538 -33.35 -37.42 -11.54
C THR A 538 -33.25 -36.34 -12.60
N LEU A 539 -32.77 -35.16 -12.22
CA LEU A 539 -32.66 -34.01 -13.12
C LEU A 539 -34.05 -33.53 -13.53
N GLU A 540 -35.03 -33.79 -12.67
CA GLU A 540 -36.40 -33.38 -12.92
C GLU A 540 -36.76 -32.21 -12.00
N LEU A 541 -37.76 -31.44 -12.40
CA LEU A 541 -38.22 -30.31 -11.64
C LEU A 541 -38.72 -30.78 -10.28
N LYS A 542 -38.26 -30.14 -9.21
CA LYS A 542 -38.69 -30.49 -7.87
C LYS A 542 -39.70 -29.48 -7.35
N HIS A 543 -39.43 -28.19 -7.54
CA HIS A 543 -40.33 -27.16 -7.03
C HIS A 543 -40.04 -25.80 -7.65
N VAL A 544 -41.08 -24.98 -7.77
CA VAL A 544 -40.94 -23.63 -8.31
C VAL A 544 -41.33 -22.70 -7.17
N ILE A 545 -40.43 -21.78 -6.83
CA ILE A 545 -40.67 -20.82 -5.77
C ILE A 545 -41.03 -19.46 -6.35
N LYS A 546 -42.24 -19.01 -6.04
CA LYS A 546 -42.72 -17.71 -6.46
C LYS A 546 -43.41 -17.10 -5.26
N ASP A 547 -43.27 -15.78 -5.12
CA ASP A 547 -43.86 -15.05 -4.01
C ASP A 547 -43.76 -13.57 -4.41
N GLU A 548 -44.76 -12.78 -4.07
CA GLU A 548 -44.74 -11.36 -4.41
C GLU A 548 -43.50 -10.66 -3.88
N ARG A 549 -42.95 -11.17 -2.80
CA ARG A 549 -41.75 -10.61 -2.17
C ARG A 549 -40.47 -11.02 -2.90
N LEU A 550 -40.54 -12.08 -3.71
CA LEU A 550 -39.36 -12.56 -4.43
C LEU A 550 -39.07 -11.72 -5.68
N VAL A 551 -38.52 -10.52 -5.46
CA VAL A 551 -38.18 -9.61 -6.55
C VAL A 551 -36.69 -9.66 -6.88
N THR A 552 -36.39 -9.74 -8.18
CA THR A 552 -35.02 -9.82 -8.69
C THR A 552 -34.11 -10.74 -7.88
N PRO A 553 -34.51 -12.02 -7.70
CA PRO A 553 -33.69 -12.97 -6.94
C PRO A 553 -32.45 -13.28 -7.75
N THR A 554 -31.29 -13.20 -7.11
CA THR A 554 -30.05 -13.49 -7.82
C THR A 554 -29.19 -14.48 -7.02
N GLY A 555 -28.20 -14.02 -6.26
CA GLY A 555 -27.37 -14.94 -5.51
C GLY A 555 -28.11 -15.71 -4.44
N LYS A 556 -27.77 -16.99 -4.28
CA LYS A 556 -28.37 -17.87 -3.29
C LYS A 556 -27.22 -18.56 -2.60
N PHE A 557 -27.28 -18.64 -1.28
CA PHE A 557 -26.22 -19.27 -0.54
C PHE A 557 -26.76 -20.15 0.58
N ASN A 558 -26.54 -21.45 0.44
CA ASN A 558 -26.95 -22.40 1.45
C ASN A 558 -26.00 -22.21 2.64
N VAL A 559 -26.56 -22.14 3.84
CA VAL A 559 -25.75 -21.95 5.03
C VAL A 559 -24.61 -22.94 5.18
N TYR A 560 -24.92 -24.23 5.13
CA TYR A 560 -23.89 -25.25 5.30
C TYR A 560 -22.80 -25.23 4.24
N ASN A 561 -23.20 -25.17 2.97
CA ASN A 561 -22.21 -25.20 1.90
C ASN A 561 -21.33 -23.97 1.84
N THR A 562 -21.85 -22.86 2.36
CA THR A 562 -21.09 -21.63 2.37
C THR A 562 -20.14 -21.61 3.57
N MET A 563 -20.64 -22.01 4.74
CA MET A 563 -19.79 -21.99 5.91
C MET A 563 -18.64 -23.00 5.81
N THR A 564 -18.85 -24.10 5.07
CA THR A 564 -17.82 -25.13 4.93
C THR A 564 -17.07 -25.09 3.61
N ASP A 565 -17.41 -24.14 2.75
CA ASP A 565 -16.78 -24.05 1.44
C ASP A 565 -16.92 -25.37 0.66
N THR A 566 -18.14 -25.89 0.59
CA THR A 566 -18.39 -27.14 -0.12
C THR A 566 -18.88 -26.82 -1.53
N TYR A 567 -17.98 -26.99 -2.50
CA TYR A 567 -18.28 -26.76 -3.90
C TYR A 567 -17.22 -27.47 -4.75
N ASP B 9 -7.34 34.23 12.56
CA ASP B 9 -6.38 35.35 12.73
C ASP B 9 -5.06 34.95 12.07
N PRO B 10 -4.69 35.59 10.96
CA PRO B 10 -3.46 35.30 10.25
C PRO B 10 -2.20 35.54 11.08
N ALA B 11 -2.35 36.31 12.15
CA ALA B 11 -1.23 36.63 13.04
C ALA B 11 -0.70 35.37 13.73
N ALA B 12 -1.48 34.29 13.68
CA ALA B 12 -1.09 33.02 14.27
C ALA B 12 0.20 32.50 13.63
N ALA B 13 0.50 32.99 12.43
CA ALA B 13 1.71 32.60 11.70
C ALA B 13 2.97 32.89 12.48
N LEU B 14 2.93 33.93 13.32
CA LEU B 14 4.09 34.30 14.13
C LEU B 14 4.52 33.14 15.03
N GLU B 15 3.56 32.33 15.43
CA GLU B 15 3.82 31.18 16.28
C GLU B 15 3.98 29.92 15.42
N ASP B 16 2.98 29.68 14.57
CA ASP B 16 2.95 28.51 13.69
C ASP B 16 4.15 28.39 12.76
N HIS B 17 4.52 29.51 12.15
CA HIS B 17 5.61 29.55 11.19
C HIS B 17 6.92 30.11 11.72
N LYS B 18 7.05 30.18 13.04
CA LYS B 18 8.26 30.70 13.65
C LYS B 18 9.37 29.66 13.51
N THR B 19 10.59 30.12 13.24
CA THR B 19 11.73 29.22 13.14
C THR B 19 12.14 28.80 14.55
N ARG B 20 12.27 27.49 14.75
CA ARG B 20 12.66 26.93 16.04
C ARG B 20 13.86 26.01 15.80
N THR B 21 14.50 25.56 16.87
CA THR B 21 15.64 24.67 16.70
C THR B 21 15.21 23.28 16.23
N ASP B 22 13.92 22.96 16.41
CA ASP B 22 13.44 21.65 16.04
C ASP B 22 12.47 21.53 14.86
N ASN B 23 12.28 22.60 14.09
CA ASN B 23 11.40 22.52 12.92
C ASN B 23 12.13 22.89 11.64
N ARG B 24 13.46 22.80 11.67
CA ARG B 24 14.28 23.12 10.50
C ARG B 24 14.68 21.86 9.74
N TYR B 25 14.38 20.70 10.32
CA TYR B 25 14.74 19.41 9.73
C TYR B 25 13.60 18.70 9.01
N GLU B 26 12.83 19.46 8.22
CA GLU B 26 11.76 18.86 7.43
C GLU B 26 12.23 18.91 5.97
N PRO B 27 11.74 17.99 5.13
CA PRO B 27 12.14 17.93 3.72
C PRO B 27 12.06 19.18 2.86
N SER B 28 13.08 19.38 2.03
CA SER B 28 13.09 20.45 1.04
C SER B 28 13.16 19.65 -0.26
N LEU B 29 12.07 19.65 -1.02
CA LEU B 29 12.03 18.88 -2.25
C LEU B 29 12.55 19.70 -3.43
N ASP B 30 13.80 20.13 -3.32
CA ASP B 30 14.41 20.95 -4.35
C ASP B 30 14.78 20.27 -5.66
N ASN B 31 14.85 18.94 -5.69
CA ASN B 31 15.13 18.28 -6.95
C ASN B 31 13.82 18.19 -7.71
N LEU B 32 12.78 17.75 -7.02
CA LEU B 32 11.45 17.61 -7.61
C LEU B 32 10.98 18.99 -8.08
N ALA B 33 11.38 20.03 -7.36
CA ALA B 33 11.02 21.41 -7.69
C ALA B 33 11.54 21.82 -9.08
N GLN B 34 12.59 21.15 -9.55
CA GLN B 34 13.17 21.46 -10.85
C GLN B 34 12.25 21.13 -12.01
N GLN B 35 11.34 20.18 -11.81
CA GLN B 35 10.40 19.82 -12.86
C GLN B 35 9.48 21.00 -13.15
N ASP B 36 9.28 21.29 -14.43
CA ASP B 36 8.39 22.37 -14.80
C ASP B 36 6.99 21.79 -14.90
N VAL B 37 6.04 22.48 -14.29
CA VAL B 37 4.65 22.04 -14.30
C VAL B 37 3.76 23.08 -14.97
N ALA B 38 2.71 22.61 -15.63
CA ALA B 38 1.76 23.48 -16.30
C ALA B 38 0.72 23.93 -15.28
N ALA B 39 0.16 25.12 -15.50
CA ALA B 39 -0.85 25.65 -14.60
C ALA B 39 -2.17 24.92 -14.82
N PRO B 40 -2.88 24.63 -13.73
CA PRO B 40 -4.17 23.95 -13.86
C PRO B 40 -5.21 25.01 -14.19
N GLY B 41 -6.40 24.58 -14.58
CA GLY B 41 -7.47 25.52 -14.84
C GLY B 41 -7.97 25.96 -13.48
N ALA B 42 -8.61 27.11 -13.43
CA ALA B 42 -9.16 27.60 -12.17
C ALA B 42 -10.66 27.49 -12.24
N PRO B 43 -11.29 26.87 -11.23
CA PRO B 43 -12.75 26.74 -11.25
C PRO B 43 -13.41 28.10 -11.05
N GLU B 44 -14.71 28.16 -11.26
CA GLU B 44 -15.45 29.40 -11.10
C GLU B 44 -15.23 29.97 -9.70
N GLY B 45 -15.00 31.27 -9.63
CA GLY B 45 -14.78 31.91 -8.36
C GLY B 45 -13.32 31.91 -7.93
N VAL B 46 -12.44 31.43 -8.79
CA VAL B 46 -11.01 31.38 -8.48
C VAL B 46 -10.22 31.98 -9.65
N THR B 47 -9.24 32.80 -9.34
CA THR B 47 -8.43 33.42 -10.37
C THR B 47 -7.28 32.49 -10.74
N ALA B 48 -6.99 32.37 -12.02
CA ALA B 48 -5.93 31.49 -12.51
C ALA B 48 -4.57 32.18 -12.52
N LEU B 49 -3.53 31.35 -12.48
CA LEU B 49 -2.16 31.79 -12.57
C LEU B 49 -1.69 31.32 -13.95
N SER B 50 -0.79 32.09 -14.57
CA SER B 50 -0.24 31.70 -15.86
C SER B 50 0.69 30.51 -15.64
N ASP B 51 1.13 29.87 -16.72
CA ASP B 51 2.05 28.75 -16.60
C ASP B 51 3.31 29.21 -15.88
N ALA B 52 3.82 30.39 -16.23
CA ALA B 52 5.03 30.91 -15.61
C ALA B 52 4.83 31.19 -14.12
N GLN B 53 3.71 31.83 -13.78
CA GLN B 53 3.43 32.14 -12.38
C GLN B 53 3.26 30.87 -11.56
N TYR B 54 2.46 29.94 -12.09
CA TYR B 54 2.21 28.70 -11.38
C TYR B 54 3.48 27.89 -11.17
N ASN B 55 4.30 27.81 -12.22
CA ASN B 55 5.55 27.07 -12.14
C ASN B 55 6.48 27.70 -11.10
N GLU B 56 6.47 29.04 -11.03
CA GLU B 56 7.31 29.75 -10.06
C GLU B 56 6.82 29.42 -8.64
N ALA B 57 5.51 29.49 -8.43
CA ALA B 57 4.92 29.20 -7.13
C ALA B 57 5.17 27.74 -6.73
N ASN B 58 5.05 26.84 -7.70
CA ASN B 58 5.24 25.42 -7.44
C ASN B 58 6.65 25.13 -6.92
N LYS B 59 7.64 25.78 -7.53
CA LYS B 59 9.03 25.59 -7.13
C LYS B 59 9.22 26.02 -5.68
N ILE B 60 8.71 27.20 -5.34
CA ILE B 60 8.82 27.69 -3.98
C ILE B 60 8.12 26.72 -3.03
N TYR B 61 6.92 26.29 -3.39
CA TYR B 61 6.16 25.37 -2.56
C TYR B 61 6.95 24.08 -2.28
N PHE B 62 7.47 23.46 -3.33
CA PHE B 62 8.22 22.22 -3.18
C PHE B 62 9.50 22.42 -2.34
N GLU B 63 10.16 23.55 -2.52
CA GLU B 63 11.39 23.83 -1.79
C GLU B 63 11.20 24.22 -0.33
N ARG B 64 10.15 24.98 -0.04
CA ARG B 64 9.96 25.49 1.31
C ARG B 64 8.74 25.08 2.11
N CYS B 65 7.74 24.52 1.45
CA CYS B 65 6.49 24.20 2.13
C CYS B 65 6.06 22.74 2.13
N ALA B 66 6.34 22.05 1.04
CA ALA B 66 5.95 20.66 0.87
C ALA B 66 6.48 19.72 1.95
N GLY B 67 7.63 20.04 2.53
CA GLY B 67 8.17 19.19 3.58
C GLY B 67 7.18 19.07 4.72
N CYS B 68 6.59 20.19 5.13
CA CYS B 68 5.65 20.18 6.23
C CYS B 68 4.19 19.95 5.84
N HIS B 69 3.81 20.40 4.65
CA HIS B 69 2.43 20.29 4.23
C HIS B 69 2.12 19.25 3.14
N GLY B 70 3.17 18.72 2.52
CA GLY B 70 3.03 17.70 1.48
C GLY B 70 2.94 18.28 0.08
N VAL B 71 3.51 17.60 -0.91
CA VAL B 71 3.42 18.09 -2.29
C VAL B 71 1.96 18.01 -2.73
N LEU B 72 1.23 17.05 -2.17
CA LEU B 72 -0.18 16.87 -2.49
C LEU B 72 -1.03 17.72 -1.56
N ARG B 73 -0.39 18.37 -0.59
CA ARG B 73 -1.02 19.25 0.39
C ARG B 73 -2.00 18.56 1.36
N LYS B 74 -1.77 17.28 1.61
CA LYS B 74 -2.61 16.52 2.52
C LYS B 74 -2.09 16.54 3.95
N GLY B 75 -1.01 17.31 4.15
CA GLY B 75 -0.42 17.47 5.46
C GLY B 75 0.61 16.45 5.88
N ALA B 76 1.56 16.92 6.69
CA ALA B 76 2.62 16.08 7.24
C ALA B 76 2.72 16.60 8.67
N THR B 77 3.78 17.32 9.04
CA THR B 77 3.83 17.86 10.39
C THR B 77 2.92 19.10 10.44
N GLY B 78 2.71 19.71 9.27
CA GLY B 78 1.82 20.86 9.16
C GLY B 78 0.51 20.34 8.58
N LYS B 79 -0.59 21.04 8.82
CA LYS B 79 -1.89 20.59 8.35
C LYS B 79 -2.11 20.59 6.84
N ALA B 80 -3.21 19.95 6.41
CA ALA B 80 -3.53 19.89 5.00
C ALA B 80 -3.86 21.30 4.48
N LEU B 81 -3.55 21.54 3.21
CA LEU B 81 -3.81 22.83 2.57
C LEU B 81 -4.47 22.58 1.21
N THR B 82 -5.36 21.60 1.17
CA THR B 82 -6.07 21.27 -0.07
C THR B 82 -7.04 22.42 -0.40
N PRO B 83 -7.34 22.62 -1.70
CA PRO B 83 -8.24 23.67 -2.17
C PRO B 83 -9.57 23.83 -1.42
N ASP B 84 -10.18 22.72 -1.03
CA ASP B 84 -11.45 22.83 -0.30
C ASP B 84 -11.23 23.61 1.00
N LEU B 85 -10.11 23.36 1.66
CA LEU B 85 -9.79 24.03 2.90
C LEU B 85 -9.33 25.47 2.69
N THR B 86 -8.42 25.67 1.76
CA THR B 86 -7.89 27.01 1.49
C THR B 86 -8.91 27.97 0.90
N ARG B 87 -9.83 27.47 0.09
CA ARG B 87 -10.86 28.33 -0.50
C ARG B 87 -11.80 28.83 0.59
N ASP B 88 -11.98 28.03 1.64
CA ASP B 88 -12.81 28.42 2.77
C ASP B 88 -12.11 29.52 3.56
N LEU B 89 -10.78 29.43 3.63
CA LEU B 89 -9.98 30.43 4.33
C LEU B 89 -9.99 31.73 3.54
N GLY B 90 -9.88 31.59 2.21
CA GLY B 90 -9.89 32.74 1.34
C GLY B 90 -8.51 33.33 1.10
N PHE B 91 -8.37 33.99 -0.05
CA PHE B 91 -7.14 34.64 -0.46
C PHE B 91 -6.59 35.61 0.58
N ASP B 92 -7.44 36.47 1.13
CA ASP B 92 -7.00 37.45 2.12
C ASP B 92 -6.26 36.82 3.29
N TYR B 93 -6.87 35.79 3.86
CA TYR B 93 -6.27 35.10 4.99
C TYR B 93 -4.94 34.48 4.60
N LEU B 94 -4.92 33.78 3.48
CA LEU B 94 -3.71 33.12 3.01
C LEU B 94 -2.60 34.14 2.77
N GLN B 95 -2.94 35.23 2.09
CA GLN B 95 -1.98 36.28 1.78
C GLN B 95 -1.37 36.86 3.06
N SER B 96 -2.24 37.18 4.02
CA SER B 96 -1.77 37.74 5.29
C SER B 96 -0.91 36.77 6.09
N PHE B 97 -1.36 35.52 6.16
CA PHE B 97 -0.65 34.49 6.91
C PHE B 97 0.75 34.27 6.35
N ILE B 98 0.82 34.10 5.03
CA ILE B 98 2.09 33.82 4.34
C ILE B 98 3.05 35.01 4.31
N THR B 99 2.53 36.21 4.57
CA THR B 99 3.37 37.41 4.57
C THR B 99 4.38 37.33 5.72
N TYR B 100 3.98 36.68 6.81
CA TYR B 100 4.82 36.54 8.00
C TYR B 100 6.07 35.69 7.88
N ALA B 101 6.25 35.04 6.73
CA ALA B 101 7.42 34.17 6.49
C ALA B 101 7.23 32.80 7.14
N SER B 102 7.90 31.82 6.55
CA SER B 102 7.80 30.45 7.00
C SER B 102 9.07 29.98 7.71
N PRO B 103 9.02 28.82 8.36
CA PRO B 103 10.19 28.30 9.07
C PRO B 103 11.41 28.14 8.16
N ALA B 104 12.56 28.55 8.66
CA ALA B 104 13.79 28.42 7.88
C ALA B 104 14.17 26.95 7.77
N GLY B 105 14.86 26.64 6.67
CA GLY B 105 15.35 25.28 6.46
C GLY B 105 16.66 25.13 7.19
N MET B 106 17.45 24.15 6.79
CA MET B 106 18.73 23.90 7.43
C MET B 106 19.76 24.99 7.15
N PRO B 107 20.74 25.14 8.03
CA PRO B 107 21.77 26.16 7.87
C PRO B 107 22.58 25.90 6.60
N ASN B 108 23.24 26.95 6.12
CA ASN B 108 24.11 26.91 4.95
C ASN B 108 23.45 26.73 3.57
N TRP B 109 22.47 25.87 3.46
CA TRP B 109 21.83 25.64 2.18
C TRP B 109 20.32 25.83 2.17
N GLY B 110 19.71 25.75 3.36
CA GLY B 110 18.27 25.86 3.46
C GLY B 110 17.68 27.23 3.22
N THR B 111 16.36 27.29 3.08
CA THR B 111 15.67 28.54 2.85
C THR B 111 15.68 29.45 4.07
N SER B 112 15.55 30.75 3.80
CA SER B 112 15.47 31.77 4.83
C SER B 112 14.02 31.81 5.31
N GLY B 113 13.10 31.37 4.45
CA GLY B 113 11.70 31.38 4.78
C GLY B 113 11.07 32.74 4.60
N GLU B 114 11.72 33.64 3.86
CA GLU B 114 11.17 34.97 3.62
C GLU B 114 10.78 35.11 2.15
N LEU B 115 9.62 35.76 1.89
CA LEU B 115 9.15 35.95 0.54
C LEU B 115 8.91 37.39 0.19
N SER B 116 9.04 37.70 -1.08
CA SER B 116 8.77 39.05 -1.57
C SER B 116 7.24 39.18 -1.66
N ALA B 117 6.75 40.41 -1.80
CA ALA B 117 5.32 40.64 -1.93
C ALA B 117 4.75 39.87 -3.14
N GLU B 118 5.50 39.85 -4.23
CA GLU B 118 5.06 39.14 -5.43
C GLU B 118 4.96 37.64 -5.16
N GLN B 119 5.96 37.10 -4.47
CA GLN B 119 5.97 35.68 -4.15
C GLN B 119 4.84 35.31 -3.19
N VAL B 120 4.54 36.18 -2.24
CA VAL B 120 3.47 35.91 -1.27
C VAL B 120 2.15 35.71 -2.03
N ASP B 121 1.88 36.59 -2.99
CA ASP B 121 0.65 36.49 -3.77
C ASP B 121 0.64 35.21 -4.61
N LEU B 122 1.77 34.88 -5.20
CA LEU B 122 1.89 33.66 -5.99
C LEU B 122 1.53 32.46 -5.13
N MET B 123 2.03 32.45 -3.90
CA MET B 123 1.77 31.34 -2.99
C MET B 123 0.31 31.25 -2.57
N ALA B 124 -0.28 32.39 -2.21
CA ALA B 124 -1.67 32.41 -1.79
C ALA B 124 -2.55 31.90 -2.94
N ASN B 125 -2.27 32.36 -4.15
CA ASN B 125 -3.05 31.94 -5.32
C ASN B 125 -2.81 30.45 -5.62
N TYR B 126 -1.55 30.00 -5.52
CA TYR B 126 -1.18 28.61 -5.76
C TYR B 126 -1.98 27.69 -4.83
N LEU B 127 -2.12 28.09 -3.57
CA LEU B 127 -2.83 27.29 -2.60
C LEU B 127 -4.33 27.15 -2.88
N LEU B 128 -4.89 28.09 -3.64
CA LEU B 128 -6.29 28.06 -3.99
C LEU B 128 -6.56 27.22 -5.23
N LEU B 129 -5.50 26.82 -5.92
CA LEU B 129 -5.62 26.02 -7.14
C LEU B 129 -5.48 24.52 -6.86
N ASP B 130 -5.93 23.70 -7.79
CA ASP B 130 -5.87 22.25 -7.65
C ASP B 130 -4.53 21.72 -8.16
N PRO B 131 -3.74 21.14 -7.27
CA PRO B 131 -2.44 20.61 -7.67
C PRO B 131 -2.52 19.24 -8.33
N ALA B 132 -1.61 19.01 -9.26
CA ALA B 132 -1.51 17.71 -9.91
C ALA B 132 -0.47 16.95 -9.10
N ALA B 133 -0.54 15.63 -9.15
CA ALA B 133 0.44 14.82 -8.43
C ALA B 133 1.69 14.74 -9.33
N PRO B 134 2.88 14.86 -8.74
CA PRO B 134 4.09 14.78 -9.55
C PRO B 134 4.12 13.38 -10.19
N PRO B 135 4.90 13.21 -11.27
CA PRO B 135 4.98 11.91 -11.95
C PRO B 135 5.45 10.75 -11.07
N GLU B 136 4.92 9.57 -11.36
CA GLU B 136 5.32 8.36 -10.67
C GLU B 136 6.68 7.98 -11.28
N PHE B 137 7.35 7.00 -10.68
CA PHE B 137 8.66 6.56 -11.17
C PHE B 137 8.74 5.06 -10.90
N GLY B 138 8.34 4.29 -11.91
CA GLY B 138 8.32 2.85 -11.78
C GLY B 138 9.47 2.09 -12.41
N MET B 139 9.23 0.79 -12.60
CA MET B 139 10.24 -0.10 -13.17
C MET B 139 10.80 0.34 -14.51
N LYS B 140 9.94 0.79 -15.42
CA LYS B 140 10.39 1.24 -16.73
C LYS B 140 11.38 2.39 -16.60
N GLU B 141 11.02 3.38 -15.80
CA GLU B 141 11.87 4.55 -15.59
C GLU B 141 13.18 4.16 -14.89
N MET B 142 13.10 3.26 -13.92
CA MET B 142 14.30 2.82 -13.20
C MET B 142 15.25 2.09 -14.16
N ARG B 143 14.70 1.17 -14.94
CA ARG B 143 15.52 0.42 -15.88
C ARG B 143 16.14 1.31 -16.95
N GLU B 144 15.44 2.38 -17.34
CA GLU B 144 15.98 3.30 -18.34
C GLU B 144 17.20 4.05 -17.79
N SER B 145 17.20 4.28 -16.48
CA SER B 145 18.30 4.99 -15.82
C SER B 145 19.43 4.06 -15.35
N TRP B 146 19.15 2.77 -15.36
CA TRP B 146 20.09 1.75 -14.90
C TRP B 146 21.33 1.58 -15.79
N LYS B 147 22.50 1.81 -15.21
CA LYS B 147 23.75 1.67 -15.94
C LYS B 147 24.78 0.84 -15.14
N VAL B 148 25.27 -0.23 -15.70
CA VAL B 148 26.27 -1.04 -15.03
C VAL B 148 27.56 -0.68 -15.76
N HIS B 149 28.39 0.12 -15.11
CA HIS B 149 29.65 0.57 -15.68
C HIS B 149 30.69 -0.53 -15.76
N VAL B 150 30.76 -1.35 -14.72
CA VAL B 150 31.70 -2.47 -14.71
C VAL B 150 30.92 -3.70 -14.28
N ALA B 151 30.70 -4.61 -15.20
CA ALA B 151 29.98 -5.84 -14.91
C ALA B 151 30.75 -6.59 -13.83
N PRO B 152 30.04 -7.27 -12.91
CA PRO B 152 30.68 -8.02 -11.81
C PRO B 152 31.87 -8.89 -12.27
N GLU B 153 31.67 -9.59 -13.36
CA GLU B 153 32.69 -10.47 -13.94
C GLU B 153 33.98 -9.76 -14.35
N ASP B 154 33.90 -8.47 -14.58
CA ASP B 154 35.06 -7.69 -14.99
C ASP B 154 35.71 -6.93 -13.84
N ARG B 155 35.13 -7.05 -12.66
CA ARG B 155 35.66 -6.39 -11.47
C ARG B 155 36.78 -7.23 -10.86
N PRO B 156 37.60 -6.61 -9.98
CA PRO B 156 38.69 -7.35 -9.34
C PRO B 156 38.16 -8.50 -8.50
N THR B 157 38.98 -9.53 -8.32
CA THR B 157 38.60 -10.69 -7.50
C THR B 157 39.23 -10.56 -6.11
N GLN B 158 40.00 -9.49 -5.92
CA GLN B 158 40.65 -9.19 -4.64
C GLN B 158 40.96 -7.69 -4.65
N GLN B 159 41.23 -7.13 -3.49
CA GLN B 159 41.55 -5.72 -3.37
C GLN B 159 42.80 -5.38 -4.18
N MET B 160 42.67 -4.44 -5.11
CA MET B 160 43.77 -4.03 -5.99
C MET B 160 44.46 -2.71 -5.64
N ASN B 161 44.06 -2.10 -4.54
CA ASN B 161 44.71 -0.89 -4.06
C ASN B 161 45.29 -1.25 -2.69
N ASP B 162 46.12 -0.39 -2.11
CA ASP B 162 46.75 -0.68 -0.82
C ASP B 162 46.09 0.05 0.36
N TRP B 163 44.89 0.55 0.13
CA TRP B 163 44.16 1.29 1.17
C TRP B 163 43.72 0.41 2.33
N ASP B 164 43.62 1.00 3.51
CA ASP B 164 43.11 0.30 4.68
C ASP B 164 41.63 0.64 4.58
N LEU B 165 40.89 -0.19 3.84
CA LEU B 165 39.47 0.06 3.61
C LEU B 165 38.59 0.16 4.83
N GLU B 166 38.80 -0.71 5.81
CA GLU B 166 37.98 -0.66 6.99
C GLU B 166 38.13 0.62 7.81
N ASN B 167 39.28 1.29 7.65
CA ASN B 167 39.52 2.54 8.36
C ASN B 167 39.24 3.77 7.48
N LEU B 168 38.71 3.53 6.29
CA LEU B 168 38.40 4.61 5.37
C LEU B 168 37.11 5.33 5.79
N PHE B 169 37.04 6.64 5.53
CA PHE B 169 35.84 7.43 5.82
C PHE B 169 35.26 7.95 4.51
N SER B 170 33.94 7.82 4.34
CA SER B 170 33.26 8.34 3.15
C SER B 170 32.53 9.58 3.65
N VAL B 171 32.98 10.74 3.18
CA VAL B 171 32.46 12.02 3.62
C VAL B 171 31.68 12.77 2.55
N THR B 172 30.48 13.19 2.91
CA THR B 172 29.62 13.94 2.03
C THR B 172 30.14 15.38 1.88
N LEU B 173 30.40 15.79 0.63
CA LEU B 173 30.80 17.16 0.32
C LEU B 173 29.47 17.59 -0.30
N ARG B 174 28.57 17.95 0.59
CA ARG B 174 27.19 18.23 0.25
C ARG B 174 26.75 18.87 -1.04
N ASP B 175 26.85 20.19 -1.09
CA ASP B 175 26.36 20.95 -2.20
C ASP B 175 26.87 20.56 -3.58
N ALA B 176 28.13 20.12 -3.66
CA ALA B 176 28.72 19.75 -4.94
C ALA B 176 28.35 18.36 -5.42
N GLY B 177 27.62 17.61 -4.62
CA GLY B 177 27.23 16.26 -5.01
C GLY B 177 28.40 15.30 -5.08
N GLN B 178 29.37 15.50 -4.22
CA GLN B 178 30.56 14.66 -4.19
C GLN B 178 30.74 13.98 -2.84
N ILE B 179 31.64 13.01 -2.84
CA ILE B 179 32.03 12.36 -1.60
C ILE B 179 33.55 12.31 -1.63
N ALA B 180 34.15 12.43 -0.46
CA ALA B 180 35.59 12.36 -0.32
C ALA B 180 35.89 11.07 0.42
N LEU B 181 36.80 10.26 -0.12
CA LEU B 181 37.23 9.03 0.53
C LEU B 181 38.51 9.47 1.23
N ILE B 182 38.47 9.45 2.55
CA ILE B 182 39.58 9.92 3.36
C ILE B 182 40.17 8.83 4.24
N ASP B 183 41.50 8.71 4.20
CA ASP B 183 42.23 7.72 4.98
C ASP B 183 42.05 7.99 6.48
N GLY B 184 41.66 6.98 7.22
CA GLY B 184 41.44 7.14 8.65
C GLY B 184 42.66 7.36 9.53
N SER B 185 43.84 7.05 9.02
CA SER B 185 45.06 7.23 9.81
C SER B 185 45.96 8.35 9.32
N THR B 186 46.01 8.56 8.01
CA THR B 186 46.85 9.63 7.47
C THR B 186 46.03 10.89 7.24
N TYR B 187 44.70 10.74 7.21
CA TYR B 187 43.77 11.85 6.98
C TYR B 187 43.89 12.42 5.58
N GLU B 188 44.50 11.65 4.68
CA GLU B 188 44.65 12.08 3.31
C GLU B 188 43.35 11.87 2.52
N ILE B 189 42.96 12.87 1.75
CA ILE B 189 41.79 12.74 0.90
C ILE B 189 42.32 11.89 -0.27
N LYS B 190 41.98 10.61 -0.25
CA LYS B 190 42.42 9.66 -1.26
C LYS B 190 41.82 9.96 -2.63
N THR B 191 40.56 10.37 -2.63
CA THR B 191 39.87 10.67 -3.86
C THR B 191 38.57 11.39 -3.58
N VAL B 192 38.13 12.19 -4.55
CA VAL B 192 36.86 12.90 -4.45
C VAL B 192 36.08 12.44 -5.67
N LEU B 193 34.92 11.83 -5.44
CA LEU B 193 34.07 11.30 -6.50
C LEU B 193 32.83 12.16 -6.69
N ASP B 194 32.41 12.32 -7.94
CA ASP B 194 31.23 13.09 -8.28
C ASP B 194 30.07 12.17 -8.59
N THR B 195 28.89 12.52 -8.07
CA THR B 195 27.69 11.73 -8.32
C THR B 195 26.56 12.60 -8.88
N GLY B 196 26.78 13.91 -8.91
CA GLY B 196 25.78 14.82 -9.41
C GLY B 196 25.17 15.66 -8.30
N TYR B 197 24.08 15.18 -7.71
CA TYR B 197 23.42 15.92 -6.64
C TYR B 197 23.90 15.49 -5.27
N ALA B 198 23.63 16.34 -4.28
CA ALA B 198 24.02 16.08 -2.90
C ALA B 198 23.73 14.65 -2.44
N VAL B 199 24.77 13.98 -1.97
CA VAL B 199 24.67 12.63 -1.45
C VAL B 199 24.21 12.82 -0.01
N HIS B 200 23.22 12.03 0.42
CA HIS B 200 22.75 12.17 1.78
C HIS B 200 23.46 11.29 2.77
N ILE B 201 23.64 10.03 2.40
CA ILE B 201 24.36 9.12 3.27
C ILE B 201 25.13 8.10 2.44
N SER B 202 26.13 7.52 3.09
CA SER B 202 26.95 6.46 2.54
C SER B 202 26.66 5.23 3.39
N ARG B 203 26.52 4.08 2.73
CA ARG B 203 26.32 2.83 3.44
C ARG B 203 27.23 1.78 2.80
N LEU B 204 27.64 0.80 3.59
CA LEU B 204 28.54 -0.24 3.10
C LEU B 204 27.87 -1.60 3.02
N SER B 205 28.28 -2.40 2.04
CA SER B 205 27.77 -3.75 1.95
C SER B 205 28.33 -4.49 3.16
N ALA B 206 27.72 -5.62 3.52
CA ALA B 206 28.14 -6.39 4.68
C ALA B 206 29.59 -6.87 4.61
N SER B 207 30.12 -7.04 3.41
CA SER B 207 31.51 -7.48 3.25
C SER B 207 32.47 -6.31 3.34
N GLY B 208 31.96 -5.09 3.20
CA GLY B 208 32.80 -3.91 3.25
C GLY B 208 33.42 -3.57 1.90
N ARG B 209 33.09 -4.32 0.87
CA ARG B 209 33.66 -4.05 -0.45
C ARG B 209 32.96 -2.95 -1.24
N TYR B 210 31.64 -2.93 -1.16
CA TYR B 210 30.85 -1.96 -1.89
C TYR B 210 30.32 -0.80 -1.09
N LEU B 211 30.58 0.40 -1.59
CA LEU B 211 30.14 1.63 -0.98
C LEU B 211 28.94 2.14 -1.77
N PHE B 212 27.80 2.26 -1.08
CA PHE B 212 26.57 2.73 -1.68
C PHE B 212 26.29 4.15 -1.23
N VAL B 213 25.91 5.01 -2.18
CA VAL B 213 25.54 6.39 -1.85
C VAL B 213 24.20 6.68 -2.49
N ILE B 214 23.39 7.45 -1.78
CA ILE B 214 22.07 7.85 -2.28
C ILE B 214 22.04 9.37 -2.39
N GLY B 215 21.75 9.86 -3.58
CA GLY B 215 21.65 11.28 -3.82
C GLY B 215 20.24 11.72 -3.47
N ARG B 216 20.08 12.97 -3.02
CA ARG B 216 18.77 13.49 -2.64
C ARG B 216 17.78 13.47 -3.81
N ASP B 217 18.33 13.42 -5.03
CA ASP B 217 17.52 13.37 -6.24
C ASP B 217 17.08 11.95 -6.62
N GLY B 218 17.38 10.97 -5.76
CA GLY B 218 17.00 9.60 -6.04
C GLY B 218 18.02 8.77 -6.80
N LYS B 219 19.21 9.32 -7.00
CA LYS B 219 20.25 8.62 -7.73
C LYS B 219 21.09 7.76 -6.80
N VAL B 220 21.22 6.48 -7.12
CA VAL B 220 22.01 5.55 -6.34
C VAL B 220 23.27 5.20 -7.12
N ASN B 221 24.39 5.21 -6.42
CA ASN B 221 25.66 4.81 -7.02
C ASN B 221 26.31 3.77 -6.12
N MET B 222 26.91 2.76 -6.72
CA MET B 222 27.63 1.77 -5.93
C MET B 222 29.07 1.80 -6.45
N ILE B 223 30.00 1.93 -5.50
CA ILE B 223 31.41 2.06 -5.77
C ILE B 223 32.16 0.84 -5.28
N ASP B 224 33.06 0.33 -6.14
CA ASP B 224 33.86 -0.84 -5.81
C ASP B 224 35.16 -0.41 -5.17
N LEU B 225 35.26 -0.60 -3.86
CA LEU B 225 36.45 -0.22 -3.13
C LEU B 225 37.66 -1.10 -3.39
N TRP B 226 37.50 -2.16 -4.16
CA TRP B 226 38.63 -3.04 -4.49
C TRP B 226 39.39 -2.60 -5.73
N MET B 227 38.83 -1.66 -6.48
CA MET B 227 39.49 -1.17 -7.68
C MET B 227 40.76 -0.40 -7.32
N LYS B 228 41.72 -0.38 -8.25
CA LYS B 228 42.96 0.34 -8.04
C LYS B 228 42.56 1.79 -7.82
N GLU B 229 41.53 2.24 -8.55
CA GLU B 229 41.00 3.59 -8.42
C GLU B 229 39.49 3.41 -8.27
N PRO B 230 39.02 3.29 -7.03
CA PRO B 230 37.58 3.10 -6.76
C PRO B 230 36.70 4.13 -7.43
N THR B 231 35.69 3.64 -8.12
CA THR B 231 34.74 4.51 -8.80
C THR B 231 33.41 3.78 -8.90
N THR B 232 32.41 4.47 -9.39
CA THR B 232 31.08 3.90 -9.55
C THR B 232 31.11 2.74 -10.55
N VAL B 233 30.58 1.61 -10.14
CA VAL B 233 30.51 0.45 -11.02
C VAL B 233 29.08 0.25 -11.54
N ALA B 234 28.12 0.93 -10.92
CA ALA B 234 26.71 0.84 -11.33
C ALA B 234 25.94 1.99 -10.71
N GLU B 235 24.90 2.43 -11.41
CA GLU B 235 24.05 3.51 -10.93
C GLU B 235 22.62 3.26 -11.39
N ILE B 236 21.68 3.88 -10.70
CA ILE B 236 20.26 3.75 -11.03
C ILE B 236 19.50 4.83 -10.28
N LYS B 237 18.41 5.31 -10.89
CA LYS B 237 17.56 6.30 -10.27
C LYS B 237 16.34 5.55 -9.76
N ILE B 238 15.94 5.82 -8.53
CA ILE B 238 14.82 5.12 -7.93
C ILE B 238 13.64 6.00 -7.55
N GLY B 239 13.74 7.28 -7.87
CA GLY B 239 12.67 8.22 -7.57
C GLY B 239 13.13 9.62 -7.88
N SER B 240 12.38 10.61 -7.42
CA SER B 240 12.70 12.02 -7.65
C SER B 240 13.30 12.68 -6.40
N GLU B 241 12.95 12.13 -5.24
CA GLU B 241 13.44 12.63 -3.94
C GLU B 241 13.65 11.41 -3.07
N ALA B 242 14.86 11.26 -2.52
CA ALA B 242 15.20 10.12 -1.69
C ALA B 242 16.27 10.53 -0.69
N ARG B 243 16.31 9.86 0.46
CA ARG B 243 17.31 10.17 1.47
C ARG B 243 17.89 8.93 2.15
N SER B 244 17.38 7.75 1.84
CA SER B 244 17.87 6.57 2.54
C SER B 244 18.26 5.38 1.68
N ILE B 245 19.22 4.61 2.18
CA ILE B 245 19.71 3.42 1.48
C ILE B 245 20.35 2.52 2.53
N GLU B 246 20.31 1.21 2.28
CA GLU B 246 20.91 0.26 3.20
C GLU B 246 21.21 -1.03 2.44
N THR B 247 22.06 -1.86 3.02
CA THR B 247 22.48 -3.12 2.41
C THR B 247 22.03 -4.31 3.27
N SER B 248 21.96 -5.49 2.67
CA SER B 248 21.54 -6.68 3.41
C SER B 248 22.60 -7.10 4.41
N LYS B 249 22.19 -7.31 5.65
CA LYS B 249 23.11 -7.65 6.72
C LYS B 249 22.85 -8.94 7.49
N MET B 250 21.99 -9.79 6.96
CA MET B 250 21.73 -11.07 7.59
C MET B 250 22.84 -12.00 7.14
N GLU B 251 23.43 -12.74 8.07
CA GLU B 251 24.51 -13.67 7.74
C GLU B 251 24.02 -14.60 6.61
N GLY B 252 24.85 -14.75 5.58
CA GLY B 252 24.50 -15.59 4.44
C GLY B 252 23.95 -14.76 3.29
N TRP B 253 23.59 -13.51 3.59
CA TRP B 253 23.04 -12.62 2.57
C TRP B 253 23.95 -11.43 2.26
N GLU B 254 25.23 -11.57 2.59
CA GLU B 254 26.19 -10.51 2.33
C GLU B 254 26.23 -10.19 0.84
N ASP B 255 26.19 -8.89 0.53
CA ASP B 255 26.24 -8.39 -0.84
C ASP B 255 25.06 -8.78 -1.73
N LYS B 256 24.04 -9.42 -1.15
CA LYS B 256 22.91 -9.84 -1.95
C LYS B 256 21.97 -8.72 -2.43
N TYR B 257 21.64 -7.81 -1.52
CA TYR B 257 20.71 -6.74 -1.88
C TYR B 257 21.05 -5.41 -1.26
N ALA B 258 20.46 -4.38 -1.85
CA ALA B 258 20.54 -3.01 -1.35
C ALA B 258 19.09 -2.55 -1.46
N ILE B 259 18.71 -1.59 -0.64
CA ILE B 259 17.36 -1.05 -0.66
C ILE B 259 17.44 0.47 -0.54
N ALA B 260 16.61 1.17 -1.30
CA ALA B 260 16.57 2.63 -1.25
C ALA B 260 15.17 3.07 -0.89
N GLY B 261 15.08 4.15 -0.12
CA GLY B 261 13.80 4.70 0.28
C GLY B 261 13.61 6.06 -0.36
N ALA B 262 12.38 6.36 -0.77
CA ALA B 262 12.09 7.62 -1.42
C ALA B 262 10.99 8.42 -0.73
N TYR B 263 11.07 9.73 -0.91
CA TYR B 263 10.08 10.67 -0.43
C TYR B 263 9.05 10.77 -1.57
N TRP B 264 9.54 10.89 -2.80
CA TRP B 264 8.63 10.95 -3.95
C TRP B 264 9.24 10.16 -5.10
N PRO B 265 8.51 9.18 -5.61
CA PRO B 265 7.18 8.75 -5.16
C PRO B 265 7.36 8.09 -3.78
N PRO B 266 6.27 7.95 -3.00
CA PRO B 266 6.39 7.29 -1.69
C PRO B 266 6.56 5.80 -1.93
N GLN B 267 7.80 5.33 -1.91
CA GLN B 267 8.07 3.92 -2.19
C GLN B 267 9.48 3.54 -1.78
N TYR B 268 9.73 2.25 -1.68
CA TYR B 268 11.08 1.75 -1.43
C TYR B 268 11.37 0.76 -2.54
N VAL B 269 12.64 0.58 -2.83
CA VAL B 269 13.05 -0.29 -3.92
C VAL B 269 14.21 -1.20 -3.51
N ILE B 270 14.02 -2.51 -3.73
CA ILE B 270 15.06 -3.50 -3.44
C ILE B 270 15.79 -3.76 -4.76
N MET B 271 17.11 -3.64 -4.70
CA MET B 271 17.98 -3.78 -5.85
C MET B 271 19.01 -4.89 -5.65
N ASP B 272 19.47 -5.47 -6.76
CA ASP B 272 20.50 -6.49 -6.71
C ASP B 272 21.74 -5.82 -6.10
N GLY B 273 22.35 -6.49 -5.12
CA GLY B 273 23.52 -5.96 -4.43
C GLY B 273 24.81 -5.86 -5.22
N GLU B 274 24.85 -6.47 -6.39
CA GLU B 274 26.06 -6.44 -7.20
C GLU B 274 25.92 -5.61 -8.46
N THR B 275 24.70 -5.45 -8.94
CA THR B 275 24.49 -4.70 -10.18
C THR B 275 23.53 -3.52 -10.09
N LEU B 276 22.76 -3.46 -9.00
CA LEU B 276 21.73 -2.45 -8.77
C LEU B 276 20.47 -2.72 -9.59
N GLU B 277 20.38 -3.90 -10.22
CA GLU B 277 19.17 -4.20 -10.98
C GLU B 277 17.97 -4.05 -10.06
N PRO B 278 16.96 -3.27 -10.48
CA PRO B 278 15.77 -3.08 -9.64
C PRO B 278 14.94 -4.35 -9.65
N LYS B 279 14.68 -4.88 -8.46
CA LYS B 279 13.94 -6.13 -8.35
C LYS B 279 12.51 -6.00 -7.84
N LYS B 280 12.30 -5.18 -6.82
CA LYS B 280 10.96 -5.04 -6.25
C LYS B 280 10.73 -3.62 -5.76
N ILE B 281 9.64 -3.01 -6.23
CA ILE B 281 9.27 -1.67 -5.83
C ILE B 281 8.00 -1.80 -5.00
N GLN B 282 7.99 -1.18 -3.82
CA GLN B 282 6.82 -1.23 -2.96
C GLN B 282 6.37 0.18 -2.62
N SER B 283 5.09 0.46 -2.86
CA SER B 283 4.49 1.73 -2.55
C SER B 283 4.29 1.80 -1.05
N THR B 284 4.44 3.00 -0.48
CA THR B 284 4.22 3.19 0.95
C THR B 284 2.92 3.95 1.22
N ARG B 285 2.17 4.26 0.16
CA ARG B 285 0.90 4.91 0.36
C ARG B 285 0.04 3.96 1.20
N GLY B 286 -0.70 4.50 2.15
CA GLY B 286 -1.50 3.62 2.98
C GLY B 286 -2.18 4.35 4.12
N MET B 287 -2.55 3.58 5.14
CA MET B 287 -3.28 4.12 6.28
C MET B 287 -2.44 4.48 7.49
N THR B 288 -2.82 5.57 8.15
CA THR B 288 -2.12 5.97 9.37
C THR B 288 -2.41 4.88 10.40
N TYR B 289 -1.46 4.59 11.28
CA TYR B 289 -1.65 3.51 12.24
C TYR B 289 -2.74 3.73 13.29
N ASP B 290 -2.86 4.96 13.78
CA ASP B 290 -3.82 5.25 14.84
C ASP B 290 -5.24 5.62 14.48
N GLU B 291 -5.43 6.67 13.71
CA GLU B 291 -6.79 7.04 13.36
C GLU B 291 -7.20 6.36 12.06
N GLN B 292 -6.32 5.52 11.54
CA GLN B 292 -6.51 4.77 10.31
C GLN B 292 -7.25 5.54 9.24
N GLU B 293 -6.51 6.49 8.67
CA GLU B 293 -6.99 7.36 7.62
C GLU B 293 -5.95 7.25 6.51
N TYR B 294 -6.42 7.27 5.27
CA TYR B 294 -5.51 7.16 4.14
C TYR B 294 -4.62 8.39 4.04
N HIS B 295 -3.34 8.14 3.78
CA HIS B 295 -2.37 9.20 3.60
C HIS B 295 -1.72 8.94 2.25
N PRO B 296 -1.82 9.92 1.33
CA PRO B 296 -1.26 9.77 -0.01
C PRO B 296 0.23 10.04 -0.19
N GLU B 297 0.91 10.40 0.89
CA GLU B 297 2.33 10.73 0.75
C GLU B 297 3.17 10.31 1.97
N PRO B 298 3.19 9.01 2.31
CA PRO B 298 3.97 8.56 3.47
C PRO B 298 5.40 8.31 3.03
N ARG B 299 6.26 9.23 3.40
CA ARG B 299 7.67 9.19 3.02
C ARG B 299 8.47 8.14 3.76
N VAL B 300 9.41 7.53 3.06
CA VAL B 300 10.28 6.56 3.67
C VAL B 300 11.40 7.38 4.33
N ALA B 301 11.65 7.11 5.60
CA ALA B 301 12.70 7.79 6.35
C ALA B 301 13.88 6.81 6.48
N ALA B 302 14.36 6.55 7.70
CA ALA B 302 15.49 5.64 7.84
C ALA B 302 15.18 4.22 7.45
N ILE B 303 16.20 3.54 6.96
CA ILE B 303 16.09 2.13 6.62
C ILE B 303 17.29 1.45 7.23
N LEU B 304 17.04 0.40 8.02
CA LEU B 304 18.11 -0.36 8.61
C LEU B 304 18.01 -1.80 8.11
N ALA B 305 18.95 -2.64 8.49
CA ALA B 305 18.95 -4.03 8.06
C ALA B 305 19.04 -4.93 9.26
N SER B 306 18.19 -5.93 9.27
CA SER B 306 18.16 -6.89 10.34
C SER B 306 19.37 -7.82 10.33
N HIS B 307 19.83 -8.15 11.53
CA HIS B 307 20.93 -9.08 11.72
C HIS B 307 20.35 -10.39 12.24
N TYR B 308 19.05 -10.41 12.52
CA TYR B 308 18.42 -11.62 13.03
C TYR B 308 17.64 -12.39 11.98
N ARG B 309 17.13 -11.68 10.98
CA ARG B 309 16.36 -12.31 9.90
C ARG B 309 16.75 -11.61 8.61
N PRO B 310 16.54 -12.30 7.45
CA PRO B 310 16.86 -11.69 6.15
C PRO B 310 15.80 -10.66 5.78
N GLU B 311 15.84 -9.54 6.51
CA GLU B 311 14.87 -8.48 6.34
C GLU B 311 15.47 -7.09 6.39
N PHE B 312 14.76 -6.17 5.75
CA PHE B 312 15.10 -4.74 5.78
C PHE B 312 14.05 -4.15 6.75
N ILE B 313 14.44 -3.10 7.44
CA ILE B 313 13.62 -2.41 8.43
C ILE B 313 13.37 -1.02 7.86
N VAL B 314 12.14 -0.76 7.45
CA VAL B 314 11.79 0.48 6.79
C VAL B 314 10.83 1.35 7.59
N ASN B 315 11.25 2.58 7.88
CA ASN B 315 10.40 3.52 8.58
C ASN B 315 9.54 4.29 7.58
N VAL B 316 8.23 4.30 7.82
CA VAL B 316 7.30 5.05 6.95
C VAL B 316 6.75 6.13 7.88
N LYS B 317 7.24 7.34 7.63
CA LYS B 317 6.95 8.51 8.44
C LYS B 317 5.53 8.92 8.78
N GLU B 318 4.82 9.43 7.80
CA GLU B 318 3.48 9.94 8.05
C GLU B 318 2.43 8.95 8.52
N THR B 319 2.59 7.68 8.17
CA THR B 319 1.61 6.70 8.61
C THR B 319 2.00 6.02 9.90
N GLY B 320 3.25 6.20 10.34
CA GLY B 320 3.68 5.57 11.59
C GLY B 320 3.78 4.06 11.51
N LYS B 321 4.28 3.56 10.39
CA LYS B 321 4.43 2.12 10.20
C LYS B 321 5.90 1.76 10.01
N ILE B 322 6.33 0.68 10.66
CA ILE B 322 7.69 0.17 10.50
C ILE B 322 7.49 -1.14 9.74
N LEU B 323 8.12 -1.25 8.57
CA LEU B 323 7.98 -2.46 7.76
C LEU B 323 9.19 -3.35 7.86
N LEU B 324 8.94 -4.64 8.11
CA LEU B 324 10.01 -5.64 8.14
C LEU B 324 9.75 -6.40 6.83
N VAL B 325 10.66 -6.19 5.88
CA VAL B 325 10.55 -6.76 4.55
C VAL B 325 11.51 -7.92 4.34
N ASP B 326 10.96 -9.11 4.15
CA ASP B 326 11.73 -10.33 3.96
C ASP B 326 12.16 -10.44 2.51
N TYR B 327 13.48 -10.37 2.30
CA TYR B 327 14.02 -10.43 0.94
C TYR B 327 14.40 -11.82 0.43
N THR B 328 13.97 -12.87 1.12
CA THR B 328 14.30 -14.23 0.67
C THR B 328 13.45 -14.64 -0.52
N ASP B 329 12.30 -14.01 -0.69
CA ASP B 329 11.41 -14.32 -1.80
C ASP B 329 10.70 -13.03 -2.18
N LEU B 330 11.12 -12.45 -3.29
CA LEU B 330 10.56 -11.18 -3.74
C LEU B 330 9.29 -11.33 -4.57
N ASN B 331 8.90 -12.54 -4.91
CA ASN B 331 7.67 -12.78 -5.68
C ASN B 331 6.50 -13.06 -4.73
N ASN B 332 6.75 -13.89 -3.72
CA ASN B 332 5.76 -14.21 -2.68
C ASN B 332 6.34 -13.40 -1.52
N LEU B 333 6.09 -12.11 -1.56
CA LEU B 333 6.68 -11.19 -0.59
C LEU B 333 6.08 -11.14 0.79
N LYS B 334 6.87 -11.55 1.77
CA LYS B 334 6.42 -11.50 3.15
C LYS B 334 6.88 -10.23 3.82
N THR B 335 5.95 -9.53 4.44
CA THR B 335 6.29 -8.32 5.19
C THR B 335 5.47 -8.30 6.48
N THR B 336 6.00 -7.58 7.46
CA THR B 336 5.27 -7.35 8.71
C THR B 336 5.14 -5.83 8.77
N GLU B 337 3.89 -5.37 8.79
CA GLU B 337 3.59 -3.95 8.85
C GLU B 337 3.27 -3.67 10.31
N ILE B 338 4.21 -3.04 10.99
CA ILE B 338 4.08 -2.75 12.41
C ILE B 338 3.53 -1.35 12.73
N SER B 339 2.40 -1.32 13.43
CA SER B 339 1.78 -0.07 13.84
C SER B 339 2.69 0.46 14.96
N ALA B 340 3.24 1.65 14.76
CA ALA B 340 4.17 2.21 15.73
C ALA B 340 3.69 3.56 16.25
N GLU B 341 4.27 4.64 15.76
CA GLU B 341 3.88 6.00 16.15
C GLU B 341 4.17 6.87 14.94
N ARG B 342 3.33 7.86 14.69
CA ARG B 342 3.53 8.75 13.55
C ARG B 342 4.78 9.58 13.68
N PHE B 343 5.33 9.94 12.52
CA PHE B 343 6.53 10.76 12.38
C PHE B 343 7.85 10.08 12.69
N LEU B 344 7.89 8.79 12.37
CA LEU B 344 9.09 7.99 12.54
C LEU B 344 10.13 8.62 11.64
N HIS B 345 11.35 8.72 12.13
CA HIS B 345 12.39 9.28 11.31
C HIS B 345 13.62 8.39 11.33
N ASP B 346 14.51 8.62 12.30
CA ASP B 346 15.75 7.88 12.39
C ASP B 346 15.82 6.97 13.62
N GLY B 347 16.87 6.18 13.70
CA GLY B 347 17.01 5.27 14.82
C GLY B 347 18.14 4.31 14.57
N GLY B 348 18.32 3.39 15.51
CA GLY B 348 19.38 2.41 15.37
C GLY B 348 19.12 1.16 16.16
N LEU B 349 19.94 0.15 15.92
CA LEU B 349 19.82 -1.11 16.66
C LEU B 349 20.57 -0.97 17.98
N ASP B 350 20.13 -1.71 18.99
CA ASP B 350 20.80 -1.69 20.29
C ASP B 350 22.16 -2.41 20.12
N GLY B 351 22.91 -2.52 21.20
CA GLY B 351 24.22 -3.15 21.16
C GLY B 351 24.21 -4.60 20.72
N SER B 352 23.13 -5.31 21.01
CA SER B 352 23.02 -6.72 20.63
C SER B 352 22.52 -6.89 19.20
N HIS B 353 22.16 -5.78 18.57
CA HIS B 353 21.66 -5.78 17.19
C HIS B 353 20.32 -6.49 17.01
N ARG B 354 19.56 -6.61 18.09
CA ARG B 354 18.27 -7.28 18.02
C ARG B 354 17.08 -6.33 17.99
N TYR B 355 17.17 -5.24 18.73
CA TYR B 355 16.07 -4.29 18.84
C TYR B 355 16.32 -3.00 18.11
N PHE B 356 15.34 -2.58 17.31
CA PHE B 356 15.40 -1.34 16.56
C PHE B 356 14.70 -0.29 17.42
N ILE B 357 15.42 0.77 17.73
CA ILE B 357 14.93 1.85 18.55
C ILE B 357 14.89 3.08 17.64
N THR B 358 13.69 3.64 17.45
CA THR B 358 13.54 4.73 16.53
C THR B 358 12.69 5.88 17.06
N ALA B 359 13.05 7.09 16.66
CA ALA B 359 12.37 8.30 17.08
C ALA B 359 11.18 8.69 16.22
N ALA B 360 10.01 8.77 16.85
CA ALA B 360 8.80 9.27 16.20
C ALA B 360 8.98 10.70 16.72
N ASN B 361 9.82 11.44 16.02
CA ASN B 361 10.23 12.76 16.48
C ASN B 361 9.25 13.84 16.87
N ALA B 362 8.25 14.08 16.03
CA ALA B 362 7.27 15.12 16.33
C ALA B 362 6.43 14.79 17.57
N ARG B 363 6.39 13.51 17.94
CA ARG B 363 5.62 13.10 19.11
C ARG B 363 6.48 12.75 20.32
N ASN B 364 7.78 13.03 20.23
CA ASN B 364 8.73 12.81 21.32
C ASN B 364 8.78 11.37 21.84
N LYS B 365 8.56 10.42 20.95
CA LYS B 365 8.55 9.01 21.37
C LYS B 365 9.68 8.19 20.76
N LEU B 366 10.06 7.14 21.48
CA LEU B 366 11.02 6.16 21.01
C LEU B 366 10.19 4.89 20.87
N VAL B 367 10.20 4.33 19.67
CA VAL B 367 9.48 3.09 19.38
C VAL B 367 10.54 2.00 19.35
N VAL B 368 10.25 0.88 19.99
CA VAL B 368 11.18 -0.24 20.03
C VAL B 368 10.55 -1.47 19.38
N ILE B 369 11.26 -2.04 18.41
CA ILE B 369 10.82 -3.23 17.70
C ILE B 369 11.79 -4.38 17.95
N ASP B 370 11.25 -5.56 18.20
CA ASP B 370 12.06 -6.74 18.38
C ASP B 370 12.20 -7.31 16.98
N THR B 371 13.41 -7.22 16.39
CA THR B 371 13.58 -7.72 15.02
C THR B 371 13.60 -9.24 14.93
N LYS B 372 13.79 -9.92 16.06
CA LYS B 372 13.79 -11.38 16.03
C LYS B 372 12.35 -11.88 15.94
N GLU B 373 11.49 -11.35 16.81
CA GLU B 373 10.09 -11.75 16.85
C GLU B 373 9.20 -10.97 15.87
N GLY B 374 9.73 -9.87 15.34
CA GLY B 374 8.99 -9.07 14.40
C GLY B 374 7.78 -8.39 15.00
N LYS B 375 7.95 -7.79 16.18
CA LYS B 375 6.83 -7.14 16.84
C LYS B 375 7.29 -5.93 17.65
N LEU B 376 6.38 -4.99 17.83
CA LEU B 376 6.65 -3.81 18.64
C LEU B 376 6.68 -4.28 20.09
N VAL B 377 7.65 -3.78 20.86
CA VAL B 377 7.74 -4.15 22.26
C VAL B 377 7.61 -2.95 23.20
N ALA B 378 7.72 -1.74 22.69
CA ALA B 378 7.61 -0.56 23.55
C ALA B 378 7.52 0.74 22.81
N ILE B 379 6.89 1.73 23.45
CA ILE B 379 6.78 3.10 22.93
C ILE B 379 6.91 3.94 24.19
N GLU B 380 7.97 4.75 24.26
CA GLU B 380 8.22 5.57 25.45
C GLU B 380 8.57 7.01 25.11
N ASP B 381 7.98 7.94 25.85
CA ASP B 381 8.23 9.35 25.67
C ASP B 381 9.62 9.64 26.28
N THR B 382 10.44 10.41 25.58
CA THR B 382 11.78 10.70 26.09
C THR B 382 11.81 11.78 27.16
N GLY B 383 10.71 12.51 27.28
CA GLY B 383 10.63 13.61 28.23
C GLY B 383 11.26 14.86 27.63
N GLY B 384 11.82 14.72 26.43
CA GLY B 384 12.45 15.86 25.76
C GLY B 384 11.64 16.25 24.54
N GLN B 385 12.09 17.30 23.84
CA GLN B 385 11.41 17.80 22.66
C GLN B 385 12.11 17.46 21.35
N THR B 386 11.46 16.61 20.57
CA THR B 386 11.92 16.23 19.25
C THR B 386 13.25 15.50 19.20
N PRO B 387 13.26 14.24 19.66
CA PRO B 387 14.49 13.45 19.65
C PRO B 387 14.97 13.22 18.23
N HIS B 388 16.29 13.29 18.05
CA HIS B 388 16.93 13.06 16.77
C HIS B 388 18.22 12.33 17.10
N PRO B 389 18.16 10.99 17.16
CA PRO B 389 19.33 10.18 17.49
C PRO B 389 20.36 9.87 16.43
N GLY B 390 19.99 10.03 15.16
CA GLY B 390 20.88 9.55 14.13
C GLY B 390 20.67 8.04 14.36
N ARG B 391 21.74 7.27 14.47
CA ARG B 391 21.61 5.83 14.76
C ARG B 391 21.71 5.63 16.29
N GLY B 392 21.92 6.73 17.01
CA GLY B 392 22.01 6.68 18.45
C GLY B 392 23.37 6.27 18.98
N ALA B 393 23.42 6.05 20.29
CA ALA B 393 24.65 5.69 20.95
C ALA B 393 24.38 4.61 21.99
N ASN B 394 24.94 3.43 21.76
CA ASN B 394 24.79 2.31 22.69
C ASN B 394 25.99 2.21 23.59
N PHE B 395 25.76 1.91 24.86
CA PHE B 395 26.84 1.71 25.81
C PHE B 395 26.33 1.01 27.06
N VAL B 396 27.24 0.39 27.80
CA VAL B 396 26.86 -0.27 29.03
C VAL B 396 27.03 0.76 30.13
N HIS B 397 25.91 1.29 30.62
CA HIS B 397 25.95 2.27 31.68
C HIS B 397 26.42 1.52 32.93
N PRO B 398 27.35 2.10 33.70
CA PRO B 398 27.89 1.44 34.91
C PRO B 398 26.87 0.90 35.91
N THR B 399 25.73 1.57 36.05
CA THR B 399 24.73 1.10 37.00
C THR B 399 23.42 0.64 36.36
N PHE B 400 23.07 1.21 35.21
CA PHE B 400 21.82 0.85 34.55
C PHE B 400 21.92 -0.35 33.61
N GLY B 401 23.14 -0.68 33.18
CA GLY B 401 23.33 -1.77 32.24
C GLY B 401 23.25 -1.20 30.83
N PRO B 402 23.08 -2.07 29.82
CA PRO B 402 22.99 -1.63 28.43
C PRO B 402 21.91 -0.59 28.21
N VAL B 403 22.31 0.51 27.58
CA VAL B 403 21.40 1.59 27.25
C VAL B 403 21.71 2.13 25.86
N TRP B 404 20.73 2.85 25.32
CA TRP B 404 20.85 3.50 24.01
C TRP B 404 20.45 4.94 24.34
N ALA B 405 21.21 5.88 23.79
CA ALA B 405 21.00 7.30 24.05
C ALA B 405 20.64 8.09 22.82
N THR B 406 19.88 9.16 23.03
CA THR B 406 19.52 10.09 21.97
C THR B 406 19.55 11.50 22.54
N SER B 407 19.89 12.47 21.71
CA SER B 407 19.80 13.87 22.14
C SER B 407 18.57 14.41 21.41
N HIS B 408 18.32 15.71 21.53
CA HIS B 408 17.13 16.31 20.96
C HIS B 408 17.36 17.60 20.19
N MET B 409 16.53 17.84 19.20
CA MET B 409 16.62 19.06 18.43
C MET B 409 15.93 20.19 19.17
N GLY B 410 14.87 19.85 19.91
CA GLY B 410 14.07 20.85 20.62
C GLY B 410 14.51 21.33 21.99
N ASP B 411 15.44 20.62 22.61
CA ASP B 411 15.95 21.02 23.92
C ASP B 411 17.35 20.44 24.10
N ASP B 412 17.98 20.74 25.24
CA ASP B 412 19.33 20.28 25.51
C ASP B 412 19.45 18.92 26.16
N SER B 413 18.36 18.17 26.24
CA SER B 413 18.40 16.89 26.91
C SER B 413 18.94 15.70 26.16
N VAL B 414 19.55 14.81 26.93
CA VAL B 414 20.08 13.53 26.46
C VAL B 414 19.26 12.52 27.26
N ALA B 415 18.61 11.57 26.58
CA ALA B 415 17.82 10.55 27.27
C ALA B 415 18.45 9.17 27.05
N LEU B 416 18.41 8.34 28.10
CA LEU B 416 18.93 6.98 28.06
C LEU B 416 17.78 6.01 28.24
N ILE B 417 17.70 5.00 27.37
CA ILE B 417 16.66 3.99 27.47
C ILE B 417 17.35 2.62 27.69
N GLY B 418 16.82 1.82 28.61
CA GLY B 418 17.41 0.51 28.87
C GLY B 418 17.14 -0.40 27.68
N THR B 419 18.12 -1.21 27.29
CA THR B 419 17.97 -2.07 26.13
C THR B 419 18.22 -3.54 26.43
N ASP B 420 18.01 -3.96 27.67
CA ASP B 420 18.31 -5.32 28.06
C ASP B 420 17.13 -5.99 28.78
N PRO B 421 16.09 -6.37 28.03
CA PRO B 421 14.92 -7.00 28.64
C PRO B 421 15.21 -8.30 29.40
N GLU B 422 16.18 -9.08 28.97
CA GLU B 422 16.49 -10.31 29.67
C GLU B 422 17.38 -10.10 30.89
N GLY B 423 18.41 -9.26 30.73
CA GLY B 423 19.37 -9.02 31.79
C GLY B 423 19.11 -7.93 32.80
N HIS B 424 18.40 -6.89 32.38
CA HIS B 424 18.04 -5.78 33.28
C HIS B 424 16.58 -5.54 32.96
N PRO B 425 15.71 -6.51 33.35
CA PRO B 425 14.27 -6.44 33.09
C PRO B 425 13.52 -5.17 33.48
N ASP B 426 13.68 -4.72 34.71
CA ASP B 426 13.00 -3.52 35.18
C ASP B 426 13.40 -2.29 34.39
N ASN B 427 14.66 -2.24 33.97
CA ASN B 427 15.19 -1.09 33.24
C ASN B 427 14.88 -1.10 31.75
N ALA B 428 14.48 -2.24 31.21
CA ALA B 428 14.22 -2.35 29.79
C ALA B 428 13.12 -1.50 29.21
N TRP B 429 13.48 -0.75 28.17
CA TRP B 429 12.56 0.12 27.45
C TRP B 429 11.95 1.23 28.30
N LYS B 430 12.68 1.63 29.34
CA LYS B 430 12.25 2.71 30.21
C LYS B 430 13.32 3.80 30.12
N ILE B 431 12.92 5.07 30.17
CA ILE B 431 13.86 6.17 30.16
C ILE B 431 14.45 6.16 31.57
N LEU B 432 15.72 5.80 31.67
CA LEU B 432 16.41 5.68 32.94
C LEU B 432 17.05 6.95 33.46
N ASP B 433 17.37 7.86 32.55
CA ASP B 433 17.97 9.11 32.96
C ASP B 433 17.81 10.11 31.82
N SER B 434 17.79 11.39 32.18
CA SER B 434 17.67 12.49 31.23
C SER B 434 18.52 13.59 31.86
N PHE B 435 19.39 14.20 31.06
CA PHE B 435 20.26 15.25 31.57
C PHE B 435 20.66 16.21 30.47
N PRO B 436 21.00 17.45 30.83
CA PRO B 436 21.39 18.42 29.81
C PRO B 436 22.79 18.30 29.24
N ALA B 437 22.91 18.69 27.97
CA ALA B 437 24.19 18.71 27.29
C ALA B 437 24.45 20.19 26.99
N LEU B 438 25.04 20.53 25.85
CA LEU B 438 25.35 21.93 25.54
C LEU B 438 24.17 22.87 25.41
N GLY B 439 23.16 22.45 24.67
CA GLY B 439 22.00 23.29 24.44
C GLY B 439 21.11 22.63 23.41
N GLY B 440 20.00 23.28 23.07
CA GLY B 440 19.10 22.70 22.09
C GLY B 440 19.69 22.72 20.69
N GLY B 441 19.00 22.05 19.78
CA GLY B 441 19.45 21.99 18.40
C GLY B 441 20.44 20.88 18.11
N SER B 442 20.48 19.87 18.96
CA SER B 442 21.38 18.75 18.75
C SER B 442 20.87 17.85 17.63
N LEU B 443 21.80 17.23 16.91
CA LEU B 443 21.47 16.31 15.83
C LEU B 443 22.07 14.93 16.04
N PHE B 444 23.27 14.86 16.61
CA PHE B 444 23.91 13.56 16.77
C PHE B 444 24.64 13.34 18.08
N ILE B 445 24.47 12.12 18.60
CA ILE B 445 25.11 11.67 19.83
C ILE B 445 25.96 10.47 19.40
N LYS B 446 27.14 10.31 19.98
CA LYS B 446 28.00 9.23 19.52
C LYS B 446 28.94 8.64 20.54
N THR B 447 29.17 7.34 20.42
CA THR B 447 30.15 6.64 21.24
C THR B 447 30.63 5.44 20.43
N HIS B 448 31.53 4.67 21.02
CA HIS B 448 32.12 3.51 20.36
C HIS B 448 32.47 2.54 21.49
N PRO B 449 32.42 1.21 21.24
CA PRO B 449 32.75 0.25 22.30
C PRO B 449 34.14 0.42 22.91
N ASN B 450 35.07 0.99 22.16
CA ASN B 450 36.43 1.18 22.67
C ASN B 450 36.64 2.52 23.35
N SER B 451 35.58 3.32 23.43
CA SER B 451 35.65 4.63 24.06
C SER B 451 34.83 4.66 25.34
N GLN B 452 35.20 5.54 26.28
CA GLN B 452 34.45 5.70 27.52
C GLN B 452 33.70 7.04 27.45
N TYR B 453 33.71 7.67 26.29
CA TYR B 453 33.08 8.99 26.12
C TYR B 453 31.83 9.01 25.24
N LEU B 454 30.90 9.88 25.59
CA LEU B 454 29.65 10.07 24.87
C LEU B 454 29.67 11.51 24.39
N TYR B 455 29.72 11.68 23.07
CA TYR B 455 29.80 13.00 22.43
C TYR B 455 28.45 13.49 21.91
N VAL B 456 28.13 14.75 22.15
CA VAL B 456 26.84 15.30 21.73
C VAL B 456 27.02 16.66 21.07
N ASP B 457 26.59 16.79 19.82
CA ASP B 457 26.70 18.07 19.14
C ASP B 457 25.48 18.96 19.45
N ALA B 458 25.46 20.16 18.89
CA ALA B 458 24.37 21.12 19.12
C ALA B 458 24.31 22.02 17.90
N THR B 459 24.39 21.37 16.75
CA THR B 459 24.44 21.98 15.43
C THR B 459 23.49 23.13 15.13
N LEU B 460 22.22 22.97 15.49
CA LEU B 460 21.19 23.96 15.22
C LEU B 460 20.96 25.00 16.31
N ASN B 461 21.85 25.04 17.31
CA ASN B 461 21.69 26.00 18.37
C ASN B 461 21.93 27.41 17.80
N PRO B 462 21.14 28.40 18.22
CA PRO B 462 21.30 29.77 17.71
C PRO B 462 22.59 30.48 18.16
N GLU B 463 23.22 29.97 19.22
CA GLU B 463 24.46 30.57 19.72
C GLU B 463 25.69 29.93 19.07
N ALA B 464 26.54 30.76 18.47
CA ALA B 464 27.76 30.29 17.81
C ALA B 464 28.67 29.47 18.73
N GLU B 465 28.82 29.94 19.97
CA GLU B 465 29.64 29.26 20.97
C GLU B 465 29.19 27.82 21.17
N ILE B 466 27.89 27.62 21.10
CA ILE B 466 27.31 26.30 21.30
C ILE B 466 27.29 25.47 20.02
N SER B 467 26.80 26.05 18.92
CA SER B 467 26.73 25.30 17.67
C SER B 467 28.11 24.89 17.15
N GLY B 468 29.16 25.57 17.60
CA GLY B 468 30.50 25.22 17.18
C GLY B 468 31.26 24.38 18.18
N SER B 469 30.55 23.82 19.14
CA SER B 469 31.18 23.00 20.18
C SER B 469 30.46 21.67 20.38
N VAL B 470 31.07 20.79 21.15
CA VAL B 470 30.52 19.46 21.43
C VAL B 470 30.65 19.16 22.91
N ALA B 471 29.64 18.51 23.47
CA ALA B 471 29.64 18.11 24.88
C ALA B 471 30.17 16.69 24.95
N VAL B 472 30.99 16.39 25.95
CA VAL B 472 31.52 15.05 26.11
C VAL B 472 31.33 14.56 27.53
N PHE B 473 30.60 13.46 27.67
CA PHE B 473 30.34 12.87 28.98
C PHE B 473 31.23 11.65 29.18
N ASP B 474 31.70 11.47 30.40
CA ASP B 474 32.53 10.33 30.75
C ASP B 474 31.58 9.24 31.27
N ILE B 475 31.34 8.23 30.44
CA ILE B 475 30.46 7.13 30.80
C ILE B 475 30.89 6.43 32.10
N LYS B 476 32.19 6.28 32.30
CA LYS B 476 32.70 5.62 33.50
C LYS B 476 32.35 6.37 34.78
N ALA B 477 32.19 7.69 34.66
CA ALA B 477 31.85 8.52 35.81
C ALA B 477 30.35 8.60 36.09
N MET B 478 29.54 8.00 35.22
CA MET B 478 28.09 8.01 35.41
C MET B 478 27.63 7.12 36.55
N THR B 479 26.80 7.69 37.41
CA THR B 479 26.25 6.96 38.53
C THR B 479 24.75 6.90 38.26
N GLY B 480 24.01 6.23 39.14
CA GLY B 480 22.57 6.16 38.96
C GLY B 480 21.88 6.96 40.04
N ASP B 481 22.52 8.04 40.49
CA ASP B 481 21.94 8.84 41.56
C ASP B 481 20.91 9.87 41.15
N GLY B 482 20.65 10.00 39.85
CA GLY B 482 19.65 10.95 39.39
C GLY B 482 20.16 12.37 39.13
N SER B 483 21.37 12.68 39.57
CA SER B 483 21.93 14.01 39.34
C SER B 483 22.34 14.11 37.86
N ASP B 484 22.70 15.31 37.43
CA ASP B 484 23.10 15.51 36.05
C ASP B 484 24.60 15.27 35.88
N PRO B 485 24.97 14.36 34.97
CA PRO B 485 26.40 14.08 34.75
C PRO B 485 27.05 15.32 34.15
N GLU B 486 28.28 15.61 34.57
CA GLU B 486 28.99 16.76 34.05
C GLU B 486 29.52 16.41 32.67
N PHE B 487 29.83 17.44 31.89
CA PHE B 487 30.39 17.24 30.57
C PHE B 487 31.48 18.25 30.32
N LYS B 488 32.41 17.87 29.46
CA LYS B 488 33.52 18.72 29.04
C LYS B 488 33.07 19.31 27.71
N THR B 489 33.40 20.57 27.45
CA THR B 489 33.03 21.20 26.19
C THR B 489 34.25 21.31 25.30
N LEU B 490 34.18 20.72 24.12
CA LEU B 490 35.28 20.77 23.16
C LEU B 490 34.97 21.86 22.15
N PRO B 491 35.87 22.85 22.01
CA PRO B 491 35.70 23.96 21.09
C PRO B 491 36.10 23.55 19.67
N ILE B 492 35.34 22.62 19.09
CA ILE B 492 35.63 22.08 17.77
C ILE B 492 35.84 23.12 16.66
N ALA B 493 34.90 24.04 16.49
CA ALA B 493 35.03 25.05 15.45
C ALA B 493 36.27 25.92 15.66
N GLU B 494 36.53 26.25 16.92
CA GLU B 494 37.68 27.07 17.28
C GLU B 494 38.97 26.33 16.90
N TRP B 495 38.99 25.04 17.17
CA TRP B 495 40.15 24.21 16.84
C TRP B 495 40.44 24.19 15.34
N ALA B 496 39.38 24.33 14.55
CA ALA B 496 39.50 24.33 13.09
C ALA B 496 40.13 25.61 12.54
N GLY B 497 40.12 26.67 13.33
CA GLY B 497 40.69 27.94 12.90
C GLY B 497 40.04 28.52 11.64
N ILE B 498 38.71 28.63 11.68
CA ILE B 498 37.95 29.17 10.55
C ILE B 498 37.08 30.32 11.04
N THR B 499 37.21 31.47 10.39
CA THR B 499 36.40 32.63 10.75
C THR B 499 35.47 32.96 9.58
N GLU B 500 34.29 32.36 9.61
CA GLU B 500 33.27 32.57 8.59
C GLU B 500 31.93 32.65 9.32
N GLY B 501 30.85 32.81 8.55
CA GLY B 501 29.53 32.89 9.15
C GLY B 501 29.22 31.68 10.02
N GLN B 502 29.60 31.79 11.30
CA GLN B 502 29.43 30.74 12.30
C GLN B 502 29.29 29.30 11.79
N PRO B 503 30.42 28.67 11.42
CA PRO B 503 30.35 27.28 10.92
C PRO B 503 29.76 26.42 12.03
N ARG B 504 28.95 25.45 11.65
CA ARG B 504 28.30 24.58 12.62
C ARG B 504 28.92 23.20 12.68
N VAL B 505 29.16 22.73 13.89
CA VAL B 505 29.76 21.43 14.09
C VAL B 505 28.67 20.36 14.05
N VAL B 506 28.93 19.28 13.33
CA VAL B 506 27.94 18.23 13.20
C VAL B 506 28.49 16.82 13.02
N GLN B 507 27.82 15.91 13.72
CA GLN B 507 28.05 14.47 13.65
C GLN B 507 29.39 13.85 13.96
N GLY B 508 29.51 13.24 15.12
CA GLY B 508 30.74 12.56 15.44
C GLY B 508 30.71 11.20 14.74
N GLU B 509 31.88 10.72 14.33
CA GLU B 509 32.04 9.43 13.68
C GLU B 509 33.42 8.94 14.05
N PHE B 510 33.52 7.72 14.57
CA PHE B 510 34.79 7.15 14.98
C PHE B 510 35.51 6.40 13.88
N ASN B 511 36.82 6.26 14.08
CA ASN B 511 37.64 5.46 13.18
C ASN B 511 37.36 4.00 13.57
N LYS B 512 37.97 3.07 12.84
CA LYS B 512 37.73 1.64 13.08
C LYS B 512 38.03 1.16 14.49
N ASP B 513 39.16 1.63 15.03
CA ASP B 513 39.61 1.28 16.37
C ASP B 513 38.89 1.99 17.49
N GLY B 514 38.12 3.03 17.17
CA GLY B 514 37.43 3.77 18.20
C GLY B 514 38.40 4.58 19.07
N THR B 515 39.51 4.99 18.47
CA THR B 515 40.51 5.77 19.17
C THR B 515 40.46 7.26 18.81
N GLU B 516 39.75 7.59 17.75
CA GLU B 516 39.64 8.98 17.30
C GLU B 516 38.22 9.19 16.79
N VAL B 517 37.70 10.39 16.98
CA VAL B 517 36.36 10.72 16.54
C VAL B 517 36.43 12.02 15.73
N TRP B 518 35.77 12.00 14.58
CA TRP B 518 35.76 13.12 13.66
C TRP B 518 34.47 13.89 13.75
N PHE B 519 34.56 15.19 13.49
CA PHE B 519 33.41 16.09 13.46
C PHE B 519 33.53 16.97 12.23
N SER B 520 32.41 17.31 11.63
CA SER B 520 32.43 18.22 10.48
C SER B 520 32.20 19.64 10.96
N VAL B 521 33.01 20.55 10.47
CA VAL B 521 32.89 21.98 10.77
C VAL B 521 32.31 22.47 9.43
N TRP B 522 30.99 22.47 9.42
CA TRP B 522 30.17 22.78 8.27
C TRP B 522 29.83 24.24 8.01
N ASN B 523 30.42 24.77 6.95
CA ASN B 523 30.20 26.15 6.53
C ASN B 523 29.53 26.11 5.16
N GLY B 524 29.16 27.28 4.66
CA GLY B 524 28.52 27.38 3.36
C GLY B 524 29.40 27.03 2.17
N LYS B 525 28.76 26.90 1.01
CA LYS B 525 29.42 26.53 -0.24
C LYS B 525 30.58 27.45 -0.64
N ASP B 526 30.44 28.75 -0.42
CA ASP B 526 31.50 29.70 -0.77
C ASP B 526 32.29 30.15 0.45
N GLN B 527 32.32 29.30 1.47
CA GLN B 527 33.05 29.58 2.69
C GLN B 527 33.97 28.42 3.00
N GLU B 528 34.81 28.59 4.02
CA GLU B 528 35.76 27.54 4.40
C GLU B 528 35.21 26.61 5.47
N SER B 529 35.36 25.31 5.23
CA SER B 529 34.93 24.28 6.16
C SER B 529 36.13 23.43 6.56
N ALA B 530 35.91 22.46 7.44
CA ALA B 530 36.98 21.58 7.89
C ALA B 530 36.43 20.35 8.57
N LEU B 531 37.29 19.35 8.75
CA LEU B 531 36.93 18.17 9.52
C LEU B 531 37.92 18.23 10.67
N VAL B 532 37.43 18.00 11.88
CA VAL B 532 38.28 18.01 13.06
C VAL B 532 38.34 16.61 13.65
N VAL B 533 39.55 16.11 13.82
CA VAL B 533 39.80 14.79 14.38
C VAL B 533 40.24 15.00 15.83
N VAL B 534 39.52 14.36 16.74
CA VAL B 534 39.78 14.43 18.18
C VAL B 534 40.34 13.12 18.69
N ASP B 535 41.38 13.22 19.52
CA ASP B 535 41.99 12.06 20.13
C ASP B 535 41.02 11.67 21.25
N ASP B 536 40.40 10.50 21.12
CA ASP B 536 39.42 10.03 22.11
C ASP B 536 39.99 9.79 23.50
N LYS B 537 41.25 9.40 23.58
CA LYS B 537 41.86 9.15 24.87
C LYS B 537 42.14 10.42 25.67
N THR B 538 42.59 11.46 25.00
CA THR B 538 42.94 12.71 25.66
C THR B 538 41.90 13.82 25.54
N LEU B 539 40.96 13.64 24.62
CA LEU B 539 39.93 14.64 24.33
C LEU B 539 40.58 15.93 23.85
N GLU B 540 41.71 15.78 23.16
CA GLU B 540 42.44 16.90 22.62
C GLU B 540 42.45 16.86 21.10
N LEU B 541 42.68 18.01 20.48
CA LEU B 541 42.74 18.10 19.04
C LEU B 541 43.88 17.24 18.49
N LYS B 542 43.57 16.44 17.50
CA LYS B 542 44.57 15.58 16.87
C LYS B 542 44.99 16.15 15.52
N HIS B 543 44.01 16.42 14.66
CA HIS B 543 44.31 16.89 13.33
C HIS B 543 43.11 17.61 12.71
N VAL B 544 43.40 18.62 11.88
CA VAL B 544 42.37 19.38 11.19
C VAL B 544 42.53 19.11 9.70
N ILE B 545 41.44 18.72 9.06
CA ILE B 545 41.45 18.45 7.63
C ILE B 545 40.85 19.66 6.92
N LYS B 546 41.68 20.31 6.12
CA LYS B 546 41.28 21.46 5.31
C LYS B 546 41.79 21.23 3.90
N ASP B 547 40.99 21.62 2.92
CA ASP B 547 41.35 21.44 1.54
C ASP B 547 40.36 22.27 0.74
N GLU B 548 40.81 22.88 -0.35
CA GLU B 548 39.93 23.69 -1.17
C GLU B 548 38.78 22.84 -1.71
N ARG B 549 39.01 21.53 -1.82
CA ARG B 549 37.98 20.61 -2.32
C ARG B 549 36.95 20.26 -1.27
N LEU B 550 37.31 20.41 0.01
CA LEU B 550 36.42 20.06 1.11
C LEU B 550 35.32 21.11 1.32
N VAL B 551 34.32 21.08 0.43
CA VAL B 551 33.24 22.03 0.49
C VAL B 551 31.99 21.43 1.13
N THR B 552 31.40 22.18 2.05
CA THR B 552 30.20 21.79 2.78
C THR B 552 30.24 20.33 3.26
N PRO B 553 31.30 19.95 3.99
CA PRO B 553 31.38 18.57 4.47
C PRO B 553 30.35 18.36 5.56
N THR B 554 29.59 17.27 5.47
CA THR B 554 28.56 16.98 6.46
C THR B 554 28.68 15.56 6.98
N GLY B 555 27.90 14.63 6.44
CA GLY B 555 27.95 13.26 6.92
C GLY B 555 29.26 12.55 6.65
N LYS B 556 29.73 11.80 7.64
CA LYS B 556 30.99 11.04 7.57
C LYS B 556 30.66 9.62 7.99
N PHE B 557 31.16 8.64 7.23
CA PHE B 557 30.89 7.25 7.54
C PHE B 557 32.12 6.40 7.41
N ASN B 558 32.59 5.87 8.54
CA ASN B 558 33.74 5.00 8.56
C ASN B 558 33.27 3.64 8.01
N VAL B 559 34.06 3.06 7.13
CA VAL B 559 33.70 1.79 6.52
C VAL B 559 33.36 0.68 7.53
N TYR B 560 34.27 0.43 8.46
CA TYR B 560 34.05 -0.63 9.43
C TYR B 560 32.84 -0.40 10.32
N ASN B 561 32.74 0.77 10.93
CA ASN B 561 31.63 1.06 11.83
C ASN B 561 30.28 1.06 11.13
N THR B 562 30.27 1.42 9.86
CA THR B 562 29.03 1.44 9.12
C THR B 562 28.63 0.03 8.69
N MET B 563 29.57 -0.73 8.15
CA MET B 563 29.23 -2.07 7.70
C MET B 563 28.80 -2.99 8.84
N THR B 564 29.34 -2.78 10.03
CA THR B 564 29.01 -3.62 11.19
C THR B 564 27.99 -3.02 12.13
N ASP B 565 27.46 -1.84 11.80
CA ASP B 565 26.47 -1.17 12.66
C ASP B 565 27.02 -1.02 14.08
N THR B 566 28.25 -0.52 14.19
CA THR B 566 28.89 -0.31 15.47
C THR B 566 28.71 1.13 15.93
N TYR B 567 27.79 1.31 16.87
CA TYR B 567 27.47 2.62 17.42
C TYR B 567 26.72 2.40 18.73
FE HEC C . -13.82 2.70 -23.28
CHA HEC C . -11.28 2.73 -25.49
CHB HEC C . -14.13 6.04 -23.51
CHC HEC C . -16.69 2.50 -21.50
CHD HEC C . -13.32 -0.64 -22.80
NA HEC C . -12.88 4.09 -24.25
C1A HEC C . -11.86 3.95 -25.16
C2A HEC C . -11.49 5.21 -25.77
C3A HEC C . -12.26 6.14 -25.18
C4A HEC C . -13.12 5.45 -24.24
CMA HEC C . -12.25 7.63 -25.49
CAA HEC C . -10.39 5.43 -26.80
CBA HEC C . -9.07 5.73 -26.12
CGA HEC C . -7.88 5.78 -27.08
O1A HEC C . -8.06 5.53 -28.29
O2A HEC C . -6.75 6.06 -26.62
NB HEC C . -15.08 3.99 -22.58
C1B HEC C . -15.07 5.38 -22.73
C2B HEC C . -16.22 6.03 -22.16
C3B HEC C . -17.00 5.01 -21.66
C4B HEC C . -16.27 3.76 -21.91
CMB HEC C . -16.47 7.55 -22.08
CAB HEC C . -18.33 5.18 -20.94
CBB HEC C . -19.42 5.84 -21.79
NC HEC C . -14.79 1.24 -22.35
C1C HEC C . -15.99 1.33 -21.67
C2C HEC C . -16.37 0.06 -21.08
C3C HEC C . -15.36 -0.79 -21.37
C4C HEC C . -14.42 -0.07 -22.19
CMC HEC C . -17.65 -0.23 -20.31
CAC HEC C . -15.15 -2.15 -20.74
CBC HEC C . -16.19 -3.21 -21.01
ND HEC C . -12.60 1.32 -24.02
C1D HEC C . -12.50 -0.01 -23.70
C2D HEC C . -11.51 -0.70 -24.50
C3D HEC C . -10.97 0.26 -25.30
C4D HEC C . -11.63 1.50 -24.96
CMD HEC C . -11.23 -2.20 -24.52
CAD HEC C . -9.90 0.11 -26.37
CBD HEC C . -8.46 0.26 -25.90
CGD HEC C . -8.04 -0.84 -24.96
O1D HEC C . -7.93 -0.59 -23.74
O2D HEC C . -7.83 -1.98 -25.42
FE DHE D . -21.16 -10.13 -8.88
CHA DHE D . -19.65 -12.44 -6.91
CHB DHE D . -18.43 -8.15 -8.67
CHC DHE D . -22.58 -8.00 -11.09
CHD DHE D . -24.05 -11.93 -8.78
NA DHE D . -19.33 -10.27 -7.96
C1A DHE D . -18.92 -11.31 -7.14
C2A DHE D . -17.64 -10.98 -6.62
C3A DHE D . -17.28 -9.77 -7.15
C4A DHE D . -18.35 -9.33 -7.97
CMA DHE D . -16.00 -9.01 -6.92
CAA DHE D . -16.86 -11.84 -5.68
CBA DHE D . -17.37 -11.78 -4.32
CGA DHE D . -16.76 -12.66 -3.33
O1A DHE D . -16.47 -13.81 -3.68
O2A DHE D . -16.55 -12.23 -2.16
NB DHE D . -20.61 -8.35 -9.77
C1B DHE D . -19.42 -7.75 -9.53
C2B DHE D . -19.30 -6.55 -10.36
OMB DHE D . -18.42 -5.72 -10.32
C3B DHE D . -20.48 -6.54 -11.29
CGB DHE D . -19.93 -7.02 -12.71
CAB DHE D . -21.15 -5.22 -11.47
CBB DHE D . -21.45 -4.45 -10.25
O1B DHE D . -21.21 -3.22 -10.26
O2B DHE D . -21.96 -5.03 -9.27
C4B DHE D . -21.31 -7.67 -10.71
NC DHE D . -23.03 -9.98 -9.76
C1C DHE D . -23.37 -9.02 -10.66
C2C DHE D . -24.76 -9.20 -11.10
OMC DHE D . -25.38 -8.50 -11.87
C3C DHE D . -25.26 -10.47 -10.45
CGC DHE D . -25.45 -11.55 -11.62
CAC DHE D . -26.55 -10.28 -9.72
CBC DHE D . -26.50 -9.35 -8.57
O1C DHE D . -27.09 -9.67 -7.50
O2C DHE D . -25.88 -8.29 -8.70
C4C DHE D . -24.07 -10.84 -9.59
ND DHE D . -21.75 -11.90 -8.00
C1D DHE D . -22.98 -12.48 -8.10
C2D DHE D . -22.96 -13.72 -7.41
C3D DHE D . -21.69 -13.89 -6.92
C4D DHE D . -20.94 -12.73 -7.25
CMD DHE D . -24.14 -14.62 -7.28
CAD DHE D . -21.15 -15.05 -6.19
CBD DHE D . -21.52 -16.28 -6.27
CGD DHE D . -20.88 -17.41 -5.56
O1D DHE D . -21.38 -18.54 -5.67
O2D DHE D . -19.87 -17.19 -4.87
C1 GOL E . -19.81 -3.12 -18.62
O1 GOL E . -19.08 -4.13 -17.94
C2 GOL E . -19.83 -1.77 -17.87
O2 GOL E . -19.35 -1.90 -16.52
C3 GOL E . -21.25 -1.18 -17.88
O3 GOL E . -21.52 -0.39 -16.74
C1 GOL F . -10.43 -41.17 -10.74
O1 GOL F . -11.47 -41.56 -9.87
C2 GOL F . -9.08 -41.52 -10.12
O2 GOL F . -8.80 -40.62 -9.04
C3 GOL F . -7.98 -41.43 -11.17
O3 GOL F . -6.86 -42.21 -10.78
C1 GOL G . -18.49 -37.62 -6.50
O1 GOL G . -18.10 -37.34 -5.17
C2 GOL G . -17.33 -37.33 -7.46
O2 GOL G . -16.92 -35.97 -7.35
C3 GOL G . -17.72 -37.59 -8.91
O3 GOL G . -18.82 -36.76 -9.27
C1 GOL H . -12.67 13.85 1.54
O1 GOL H . -13.31 14.71 0.60
C2 GOL H . -11.19 13.69 1.17
O2 GOL H . -10.98 14.09 -0.17
C3 GOL H . -10.73 12.26 1.36
O3 GOL H . -9.91 11.85 0.30
S SO4 I . 9.44 -6.48 -13.46
O1 SO4 I . 8.87 -5.16 -13.16
O2 SO4 I . 10.93 -6.43 -13.30
O3 SO4 I . 8.95 -7.51 -12.53
O4 SO4 I . 9.17 -6.89 -14.85
S SO4 J . -20.88 7.09 0.10
O1 SO4 J . -20.77 7.85 -1.15
O2 SO4 J . -21.50 5.79 -0.19
O3 SO4 J . -19.51 6.92 0.65
O4 SO4 J . -21.68 7.87 1.07
FE HEC K . 2.78 26.16 7.02
CHA HEC K . 0.02 26.55 8.90
CHB HEC K . 1.27 27.75 4.44
CHC HEC K . 5.73 26.24 5.34
CHD HEC K . 4.20 24.27 9.44
NA HEC K . 1.03 26.95 6.72
C1A HEC K . -0.02 27.03 7.60
C2A HEC K . -1.16 27.73 7.03
C3A HEC K . -0.80 28.07 5.77
C4A HEC K . 0.55 27.57 5.59
CMA HEC K . -1.66 28.86 4.78
CAA HEC K . -2.47 28.08 7.75
CBA HEC K . -3.52 27.04 7.45
CGA HEC K . -4.79 27.22 8.27
O1A HEC K . -4.87 28.17 9.09
O2A HEC K . -5.72 26.40 8.12
NB HEC K . 3.36 26.83 5.25
C1B HEC K . 2.59 27.40 4.26
C2B HEC K . 3.36 27.73 3.10
C3B HEC K . 4.65 27.40 3.41
C4B HEC K . 4.63 26.83 4.73
CMB HEC K . 2.80 28.32 1.81
CAB HEC K . 5.89 27.62 2.54
CBB HEC K . 6.16 29.08 2.19
NC HEC K . 4.57 25.40 7.32
C1C HEC K . 5.71 25.55 6.54
C2C HEC K . 6.82 24.81 7.09
C3C HEC K . 6.35 24.16 8.17
C4C HEC K . 4.97 24.57 8.34
CMC HEC K . 8.21 24.73 6.49
CAC HEC K . 7.04 23.04 8.95
CBC HEC K . 8.33 23.36 9.69
ND HEC K . 2.22 25.54 8.83
C1D HEC K . 2.93 24.75 9.71
C2D HEC K . 2.23 24.60 10.95
C3D HEC K . 1.06 25.28 10.81
C4D HEC K . 1.06 25.84 9.49
CMD HEC K . 2.72 23.86 12.17
CAD HEC K . -0.06 25.45 11.84
CBD HEC K . -1.16 24.41 11.80
CGD HEC K . -0.66 23.04 12.20
O1D HEC K . -0.51 22.19 11.31
O2D HEC K . -0.44 22.81 13.41
FE DHE L . 19.51 14.22 6.78
CHA DHE L . 20.12 11.06 7.86
CHB DHE L . 16.35 13.31 5.83
CHC DHE L . 18.80 17.45 5.99
CHD DHE L . 22.74 15.06 7.39
NA DHE L . 18.39 12.47 6.87
C1A DHE L . 18.87 11.25 7.31
C2A DHE L . 17.87 10.28 7.07
C3A DHE L . 16.80 10.93 6.50
C4A DHE L . 17.13 12.30 6.37
CMA DHE L . 15.50 10.33 6.04
CAA DHE L . 18.02 8.83 7.39
CBA DHE L . 18.84 8.13 6.41
CGA DHE L . 19.02 6.69 6.57
O1A DHE L . 18.84 6.18 7.69
O2A DHE L . 19.34 6.02 5.58
NB DHE L . 17.84 15.25 6.08
C1B DHE L . 16.66 14.65 5.75
C2B DHE L . 15.71 15.67 5.28
OMB DHE L . 14.62 15.49 4.80
C3B DHE L . 16.33 17.01 5.54
CGB DHE L . 15.63 17.58 6.85
CAB DHE L . 16.15 18.00 4.44
CBB DHE L . 16.38 17.52 3.06
O1B DHE L . 15.57 17.88 2.17
O2B DHE L . 17.37 16.79 2.83
C4B DHE L . 17.75 16.59 5.88
NC DHE L . 20.61 15.96 6.72
C1C DHE L . 20.09 17.18 6.36
C2C DHE L . 21.13 18.21 6.44
OMC DHE L . 21.01 19.39 6.18
C3C DHE L . 22.39 17.52 6.90
CGC DHE L . 22.70 18.11 8.37
CAC DHE L . 23.54 17.73 6.01
CBC DHE L . 23.39 17.19 4.63
O1C DHE L . 24.35 16.60 4.12
O2C DHE L . 22.33 17.37 4.03
C4C DHE L . 21.91 16.09 7.03
ND DHE L . 21.17 13.20 7.47
C1D DHE L . 22.41 13.74 7.68
C2D DHE L . 23.26 12.74 8.23
C3D DHE L . 22.50 11.62 8.43
C4D DHE L . 21.20 11.91 7.93
CMD DHE L . 24.73 12.94 8.48
CAD DHE L . 22.89 10.34 9.05
CBD DHE L . 23.80 10.13 9.94
CGD DHE L . 24.16 8.82 10.53
O1D DHE L . 25.12 8.78 11.34
O2D DHE L . 23.48 7.80 10.20
C1 GOL M . 12.06 23.64 7.22
O1 GOL M . 12.01 22.40 7.91
C2 GOL M . 11.53 23.57 5.78
O2 GOL M . 11.51 22.22 5.30
C3 GOL M . 12.35 24.47 4.86
O3 GOL M . 12.34 24.00 3.51
C1 GOL N . 39.35 19.78 25.60
O1 GOL N . 40.66 19.86 25.09
C2 GOL N . 38.67 21.15 25.73
O2 GOL N . 39.65 22.20 25.63
C3 GOL N . 37.89 21.26 27.04
O3 GOL N . 37.81 22.60 27.48
C1 GOL O . 34.55 27.86 21.84
O1 GOL O . 34.60 29.20 22.28
C2 GOL O . 34.50 27.79 20.31
O2 GOL O . 33.47 28.64 19.83
C3 GOL O . 34.24 26.36 19.84
O3 GOL O . 34.21 26.28 18.44
S SO4 P . -8.01 2.66 15.18
O1 SO4 P . -8.05 3.43 13.89
O2 SO4 P . -8.43 1.28 14.92
O3 SO4 P . -6.67 2.68 15.80
O4 SO4 P . -8.99 3.30 16.09
S SO4 Q . 13.28 13.72 -11.79
O1 SO4 Q . 12.60 15.03 -11.79
O2 SO4 Q . 14.36 13.76 -10.79
O3 SO4 Q . 12.29 12.67 -11.48
O4 SO4 Q . 13.86 13.42 -13.13
S SO4 R . 30.54 -0.48 25.97
O1 SO4 R . 31.63 0.34 25.42
O2 SO4 R . 31.11 -1.73 26.56
O3 SO4 R . 29.90 0.24 27.13
O4 SO4 R . 29.55 -0.76 24.94
S SO4 S . 19.70 26.56 24.64
O1 SO4 S . 19.05 27.47 23.68
O2 SO4 S . 21.12 26.32 24.27
O3 SO4 S . 19.71 27.16 25.98
O4 SO4 S . 18.99 25.26 24.67
#